data_2YSJ
#
_entry.id   2YSJ
#
loop_
_entity.id
_entity.type
_entity.pdbx_description
1 polymer 'Tripartite motif-containing protein 31'
2 non-polymer 'ZINC ION'
#
_entity_poly.entity_id   1
_entity_poly.type   'polypeptide(L)'
_entity_poly.pdbx_seq_one_letter_code
;GSSGSSGMASGQFVNKLQEEVICPICLDILQKPVTIDCGHNFCLKCITQIGETSCGFFKCPLC
;
_entity_poly.pdbx_strand_id   A
#
loop_
_chem_comp.id
_chem_comp.type
_chem_comp.name
_chem_comp.formula
ZN non-polymer 'ZINC ION' 'Zn 2'
#
# COMPACT_ATOMS: atom_id res chain seq x y z
N GLY A 1 -24.24 -16.86 -8.51
CA GLY A 1 -23.81 -18.12 -9.08
C GLY A 1 -24.96 -18.93 -9.64
N SER A 2 -24.95 -20.23 -9.39
CA SER A 2 -26.00 -21.11 -9.88
C SER A 2 -26.32 -22.20 -8.86
N SER A 3 -27.52 -22.15 -8.29
CA SER A 3 -27.95 -23.12 -7.31
C SER A 3 -29.43 -23.44 -7.44
N GLY A 4 -29.86 -24.56 -6.88
CA GLY A 4 -31.25 -24.94 -6.94
C GLY A 4 -32.19 -23.87 -6.42
N SER A 5 -31.84 -23.30 -5.27
CA SER A 5 -32.65 -22.26 -4.66
C SER A 5 -32.67 -21.00 -5.53
N SER A 6 -33.85 -20.66 -6.03
CA SER A 6 -33.99 -19.48 -6.88
C SER A 6 -34.25 -18.23 -6.04
N GLY A 7 -33.55 -17.15 -6.38
CA GLY A 7 -33.72 -15.91 -5.65
C GLY A 7 -32.59 -15.66 -4.67
N MET A 8 -32.23 -16.69 -3.91
CA MET A 8 -31.16 -16.58 -2.92
C MET A 8 -29.90 -17.30 -3.41
N ALA A 9 -28.80 -17.10 -2.70
CA ALA A 9 -27.54 -17.74 -3.05
C ALA A 9 -26.82 -18.26 -1.81
N SER A 10 -26.18 -19.41 -1.94
CA SER A 10 -25.46 -20.02 -0.83
C SER A 10 -24.54 -19.00 -0.15
N GLY A 11 -23.61 -18.45 -0.92
CA GLY A 11 -22.69 -17.46 -0.38
C GLY A 11 -21.24 -17.78 -0.70
N GLN A 12 -20.90 -17.71 -1.99
CA GLN A 12 -19.54 -17.99 -2.43
C GLN A 12 -19.13 -17.06 -3.57
N PHE A 13 -18.01 -16.37 -3.37
CA PHE A 13 -17.51 -15.44 -4.39
C PHE A 13 -16.08 -15.79 -4.79
N VAL A 14 -15.87 -15.99 -6.08
CA VAL A 14 -14.54 -16.33 -6.59
C VAL A 14 -13.69 -15.07 -6.79
N ASN A 15 -12.40 -15.18 -6.49
CA ASN A 15 -11.48 -14.05 -6.65
C ASN A 15 -10.04 -14.53 -6.76
N LYS A 16 -9.14 -13.61 -7.06
CA LYS A 16 -7.72 -13.94 -7.20
C LYS A 16 -6.93 -13.41 -6.02
N LEU A 17 -5.94 -14.18 -5.57
CA LEU A 17 -5.09 -13.78 -4.45
C LEU A 17 -4.09 -12.72 -4.87
N GLN A 18 -4.12 -11.58 -4.19
CA GLN A 18 -3.20 -10.49 -4.50
C GLN A 18 -2.72 -9.80 -3.22
N GLU A 19 -1.77 -8.89 -3.37
CA GLU A 19 -1.22 -8.16 -2.22
C GLU A 19 -1.70 -6.71 -2.22
N GLU A 20 -1.86 -6.14 -1.03
CA GLU A 20 -2.31 -4.77 -0.90
C GLU A 20 -1.25 -3.92 -0.20
N VAL A 21 -1.21 -2.63 -0.55
CA VAL A 21 -0.26 -1.71 0.05
C VAL A 21 -0.93 -0.73 1.00
N ILE A 22 -0.44 -0.68 2.23
CA ILE A 22 -1.00 0.21 3.24
C ILE A 22 0.09 1.03 3.92
N CYS A 23 -0.25 2.24 4.33
CA CYS A 23 0.70 3.12 5.00
C CYS A 23 0.86 2.73 6.47
N PRO A 24 2.07 2.30 6.85
CA PRO A 24 2.37 1.89 8.22
C PRO A 24 2.37 3.07 9.19
N ILE A 25 2.19 4.28 8.65
CA ILE A 25 2.18 5.49 9.47
C ILE A 25 0.75 5.84 9.88
N CYS A 26 -0.08 6.15 8.90
CA CYS A 26 -1.47 6.50 9.17
C CYS A 26 -2.36 5.27 9.19
N LEU A 27 -1.81 4.15 8.74
CA LEU A 27 -2.56 2.89 8.70
C LEU A 27 -3.79 3.02 7.83
N ASP A 28 -3.63 3.59 6.64
CA ASP A 28 -4.74 3.77 5.72
C ASP A 28 -4.26 3.60 4.27
N ILE A 29 -5.17 3.18 3.40
CA ILE A 29 -4.85 2.97 2.00
C ILE A 29 -4.25 4.23 1.39
N LEU A 30 -3.09 4.08 0.75
CA LEU A 30 -2.40 5.20 0.11
C LEU A 30 -2.82 5.33 -1.35
N GLN A 31 -3.61 6.36 -1.64
CA GLN A 31 -4.07 6.61 -3.00
C GLN A 31 -2.94 6.42 -4.01
N LYS A 32 -1.87 7.20 -3.84
CA LYS A 32 -0.72 7.12 -4.72
C LYS A 32 0.48 6.50 -4.01
N PRO A 33 0.73 5.21 -4.30
CA PRO A 33 1.85 4.48 -3.70
C PRO A 33 3.20 4.96 -4.20
N VAL A 34 3.88 5.75 -3.39
CA VAL A 34 5.19 6.28 -3.75
C VAL A 34 6.31 5.44 -3.15
N THR A 35 6.92 4.60 -3.98
CA THR A 35 8.01 3.74 -3.53
C THR A 35 9.26 4.55 -3.23
N ILE A 36 9.81 4.38 -2.03
CA ILE A 36 11.01 5.09 -1.63
C ILE A 36 12.26 4.23 -1.83
N ASP A 37 13.40 4.88 -1.94
CA ASP A 37 14.67 4.19 -2.14
C ASP A 37 14.87 3.09 -1.09
N CYS A 38 14.08 3.17 -0.02
CA CYS A 38 14.17 2.21 1.07
C CYS A 38 13.61 0.85 0.63
N GLY A 39 12.66 0.89 -0.29
CA GLY A 39 12.05 -0.34 -0.78
C GLY A 39 10.54 -0.34 -0.64
N HIS A 40 10.06 -0.03 0.56
CA HIS A 40 8.63 -0.01 0.82
C HIS A 40 8.00 1.27 0.25
N ASN A 41 6.68 1.36 0.33
CA ASN A 41 5.95 2.52 -0.18
C ASN A 41 5.23 3.24 0.96
N PHE A 42 4.72 4.43 0.65
CA PHE A 42 4.00 5.22 1.65
C PHE A 42 2.99 6.15 0.98
N CYS A 43 2.23 6.87 1.79
CA CYS A 43 1.24 7.81 1.27
C CYS A 43 1.78 9.23 1.24
N LEU A 44 1.49 9.94 0.16
CA LEU A 44 1.95 11.32 0.00
C LEU A 44 1.69 12.13 1.27
N LYS A 45 0.47 12.02 1.79
CA LYS A 45 0.10 12.74 3.00
C LYS A 45 1.13 12.52 4.11
N CYS A 46 1.80 11.38 4.06
CA CYS A 46 2.81 11.06 5.06
C CYS A 46 4.20 11.46 4.58
N ILE A 47 4.59 10.96 3.40
CA ILE A 47 5.90 11.28 2.84
C ILE A 47 6.15 12.78 2.84
N THR A 48 5.12 13.55 2.50
CA THR A 48 5.23 15.00 2.47
C THR A 48 5.76 15.54 3.79
N GLN A 49 5.25 15.00 4.89
CA GLN A 49 5.67 15.43 6.22
C GLN A 49 7.12 15.06 6.48
N ILE A 50 7.44 13.78 6.33
CA ILE A 50 8.80 13.30 6.55
C ILE A 50 9.80 14.09 5.71
N GLY A 51 9.49 14.26 4.43
CA GLY A 51 10.38 14.99 3.54
C GLY A 51 10.76 16.35 4.10
N GLU A 52 9.78 17.05 4.69
CA GLU A 52 10.02 18.36 5.26
C GLU A 52 10.88 18.26 6.51
N THR A 53 10.34 17.62 7.54
CA THR A 53 11.05 17.44 8.80
C THR A 53 12.49 16.99 8.56
N SER A 54 12.66 16.03 7.65
CA SER A 54 13.98 15.51 7.33
C SER A 54 14.34 15.78 5.88
N CYS A 55 15.39 16.56 5.67
CA CYS A 55 15.84 16.89 4.32
C CYS A 55 16.98 15.99 3.88
N GLY A 56 17.92 15.75 4.80
CA GLY A 56 19.06 14.91 4.48
C GLY A 56 18.65 13.52 4.03
N PHE A 57 18.59 12.59 4.99
CA PHE A 57 18.21 11.21 4.68
C PHE A 57 16.76 10.95 5.10
N PHE A 58 16.29 9.73 4.82
CA PHE A 58 14.92 9.36 5.16
C PHE A 58 14.90 8.08 5.99
N LYS A 59 14.16 8.12 7.10
CA LYS A 59 14.06 6.97 7.98
C LYS A 59 12.75 6.21 7.75
N CYS A 60 12.83 4.89 7.72
CA CYS A 60 11.66 4.05 7.51
C CYS A 60 11.44 3.10 8.69
N PRO A 61 10.18 3.00 9.12
CA PRO A 61 9.80 2.13 10.25
C PRO A 61 9.91 0.65 9.90
N LEU A 62 9.54 0.31 8.68
CA LEU A 62 9.59 -1.07 8.21
C LEU A 62 11.04 -1.54 8.06
N CYS A 63 11.86 -0.70 7.42
CA CYS A 63 13.27 -1.03 7.21
C CYS A 63 13.96 -1.32 8.54
ZN ZN B . 0.38 7.74 5.50
ZN ZN C . 11.40 0.77 4.19
N GLY A 1 -14.73 -20.43 -48.44
CA GLY A 1 -15.99 -20.33 -47.72
C GLY A 1 -15.83 -20.60 -46.24
N SER A 2 -15.29 -19.63 -45.51
CA SER A 2 -15.08 -19.78 -44.08
C SER A 2 -16.43 -19.79 -43.33
N SER A 3 -16.71 -20.92 -42.68
CA SER A 3 -17.95 -21.06 -41.93
C SER A 3 -17.76 -20.65 -40.47
N GLY A 4 -16.66 -21.09 -39.87
CA GLY A 4 -16.39 -20.76 -38.49
C GLY A 4 -15.14 -21.46 -37.97
N SER A 5 -15.23 -21.95 -36.73
CA SER A 5 -14.10 -22.64 -36.11
C SER A 5 -14.53 -23.99 -35.56
N SER A 6 -13.60 -24.96 -35.57
CA SER A 6 -13.89 -26.30 -35.08
C SER A 6 -12.60 -26.99 -34.63
N GLY A 7 -12.72 -27.83 -33.61
CA GLY A 7 -11.57 -28.54 -33.10
C GLY A 7 -10.42 -27.62 -32.75
N MET A 8 -10.43 -27.10 -31.52
CA MET A 8 -9.39 -26.20 -31.06
C MET A 8 -9.10 -26.40 -29.58
N ALA A 9 -8.03 -25.77 -29.08
CA ALA A 9 -7.66 -25.89 -27.68
C ALA A 9 -7.60 -24.52 -27.02
N SER A 10 -8.32 -24.37 -25.92
CA SER A 10 -8.35 -23.11 -25.18
C SER A 10 -8.00 -23.32 -23.71
N GLY A 11 -7.86 -22.22 -22.97
CA GLY A 11 -7.53 -22.32 -21.57
C GLY A 11 -6.54 -21.24 -21.13
N GLN A 12 -6.72 -20.73 -19.92
CA GLN A 12 -5.85 -19.69 -19.39
C GLN A 12 -4.98 -20.24 -18.26
N PHE A 13 -3.69 -19.98 -18.34
CA PHE A 13 -2.74 -20.45 -17.33
C PHE A 13 -2.97 -19.73 -16.00
N VAL A 14 -2.79 -20.45 -14.90
CA VAL A 14 -2.97 -19.87 -13.58
C VAL A 14 -2.13 -18.63 -13.39
N ASN A 15 -2.56 -17.75 -12.49
CA ASN A 15 -1.84 -16.51 -12.22
C ASN A 15 -1.99 -16.11 -10.76
N LYS A 16 -0.91 -15.57 -10.18
CA LYS A 16 -0.91 -15.14 -8.79
C LYS A 16 -2.07 -14.18 -8.53
N LEU A 17 -2.29 -13.89 -7.25
CA LEU A 17 -3.37 -12.99 -6.86
C LEU A 17 -2.86 -11.56 -6.74
N GLN A 18 -3.77 -10.64 -6.42
CA GLN A 18 -3.40 -9.23 -6.26
C GLN A 18 -3.12 -8.89 -4.81
N GLU A 19 -2.51 -7.73 -4.58
CA GLU A 19 -2.18 -7.29 -3.23
C GLU A 19 -2.38 -5.79 -3.09
N GLU A 20 -2.95 -5.38 -1.96
CA GLU A 20 -3.20 -3.97 -1.70
C GLU A 20 -2.04 -3.34 -0.92
N VAL A 21 -1.88 -2.03 -1.07
CA VAL A 21 -0.81 -1.32 -0.38
C VAL A 21 -1.36 -0.38 0.68
N ILE A 22 -0.80 -0.44 1.88
CA ILE A 22 -1.24 0.40 2.98
C ILE A 22 -0.05 1.08 3.66
N CYS A 23 -0.28 2.28 4.18
CA CYS A 23 0.76 3.04 4.86
C CYS A 23 0.97 2.53 6.28
N PRO A 24 2.19 2.08 6.58
CA PRO A 24 2.55 1.57 7.91
C PRO A 24 2.57 2.66 8.97
N ILE A 25 2.30 3.89 8.55
CA ILE A 25 2.30 5.03 9.47
C ILE A 25 0.87 5.37 9.91
N CYS A 26 0.05 5.79 8.96
CA CYS A 26 -1.33 6.14 9.26
C CYS A 26 -2.24 4.92 9.13
N LEU A 27 -1.67 3.80 8.70
CA LEU A 27 -2.43 2.57 8.55
C LEU A 27 -3.65 2.79 7.66
N ASP A 28 -3.46 3.51 6.56
CA ASP A 28 -4.55 3.79 5.64
C ASP A 28 -4.06 3.69 4.18
N ILE A 29 -5.00 3.62 3.25
CA ILE A 29 -4.68 3.52 1.83
C ILE A 29 -3.93 4.76 1.37
N LEU A 30 -2.85 4.55 0.62
CA LEU A 30 -2.05 5.64 0.10
C LEU A 30 -2.41 5.95 -1.35
N GLN A 31 -3.17 7.02 -1.55
CA GLN A 31 -3.59 7.42 -2.88
C GLN A 31 -2.49 7.12 -3.91
N LYS A 32 -1.32 7.70 -3.69
CA LYS A 32 -0.18 7.50 -4.60
C LYS A 32 0.93 6.73 -3.90
N PRO A 33 1.08 5.44 -4.25
CA PRO A 33 2.11 4.58 -3.67
C PRO A 33 3.51 4.97 -4.13
N VAL A 34 4.21 5.73 -3.31
CA VAL A 34 5.56 6.16 -3.63
C VAL A 34 6.59 5.18 -3.11
N THR A 35 7.14 4.35 -4.01
CA THR A 35 8.14 3.36 -3.64
C THR A 35 9.49 4.02 -3.37
N ILE A 36 9.97 3.88 -2.14
CA ILE A 36 11.26 4.47 -1.75
C ILE A 36 12.40 3.49 -2.03
N ASP A 37 13.61 4.03 -2.14
CA ASP A 37 14.79 3.20 -2.39
C ASP A 37 14.92 2.10 -1.34
N CYS A 38 14.18 2.24 -0.25
CA CYS A 38 14.21 1.26 0.83
C CYS A 38 13.45 -0.01 0.43
N GLY A 39 12.50 0.14 -0.48
CA GLY A 39 11.72 -1.00 -0.93
C GLY A 39 10.25 -0.89 -0.57
N HIS A 40 9.98 -0.59 0.70
CA HIS A 40 8.60 -0.45 1.16
C HIS A 40 7.94 0.80 0.55
N ASN A 41 6.63 0.92 0.75
CA ASN A 41 5.88 2.04 0.21
C ASN A 41 5.28 2.88 1.34
N PHE A 42 4.85 4.09 1.01
CA PHE A 42 4.25 4.98 1.99
C PHE A 42 3.32 5.99 1.31
N CYS A 43 2.44 6.59 2.10
CA CYS A 43 1.49 7.57 1.58
C CYS A 43 2.11 8.96 1.55
N LEU A 44 1.88 9.68 0.45
CA LEU A 44 2.43 11.02 0.28
C LEU A 44 2.18 11.86 1.54
N LYS A 45 0.95 11.83 2.03
CA LYS A 45 0.58 12.59 3.23
C LYS A 45 1.58 12.34 4.35
N CYS A 46 2.20 11.17 4.33
CA CYS A 46 3.19 10.80 5.36
C CYS A 46 4.60 11.13 4.88
N ILE A 47 4.98 10.59 3.73
CA ILE A 47 6.30 10.82 3.18
C ILE A 47 6.64 12.31 3.19
N THR A 48 5.68 13.13 2.83
CA THR A 48 5.87 14.58 2.79
C THR A 48 5.87 15.17 4.19
N GLN A 49 4.84 14.85 4.96
CA GLN A 49 4.72 15.35 6.33
C GLN A 49 5.97 15.02 7.14
N ILE A 50 6.61 13.91 6.80
CA ILE A 50 7.82 13.50 7.50
C ILE A 50 9.05 14.18 6.92
N GLY A 51 8.98 14.55 5.64
CA GLY A 51 10.09 15.21 4.99
C GLY A 51 9.76 16.64 4.57
N GLU A 52 9.09 17.36 5.46
CA GLU A 52 8.71 18.75 5.18
C GLU A 52 9.62 19.72 5.92
N THR A 53 10.12 19.29 7.07
CA THR A 53 11.00 20.13 7.89
C THR A 53 12.45 19.66 7.78
N SER A 54 12.63 18.40 7.41
CA SER A 54 13.98 17.83 7.27
C SER A 54 14.23 17.39 5.83
N CYS A 55 15.48 17.54 5.39
CA CYS A 55 15.86 17.16 4.03
C CYS A 55 17.20 16.43 4.02
N GLY A 56 17.29 15.37 3.23
CA GLY A 56 18.52 14.61 3.15
C GLY A 56 18.28 13.11 3.11
N PHE A 57 18.15 12.51 4.29
CA PHE A 57 17.90 11.08 4.40
C PHE A 57 16.57 10.79 5.08
N PHE A 58 15.82 9.84 4.54
CA PHE A 58 14.53 9.48 5.10
C PHE A 58 14.58 8.08 5.73
N LYS A 59 14.23 8.01 7.02
CA LYS A 59 14.23 6.75 7.74
C LYS A 59 12.97 5.95 7.46
N CYS A 60 13.00 4.67 7.77
CA CYS A 60 11.85 3.79 7.56
C CYS A 60 11.61 2.89 8.76
N PRO A 61 10.36 2.83 9.23
CA PRO A 61 9.97 2.00 10.37
C PRO A 61 10.05 0.51 10.07
N LEU A 62 9.63 0.14 8.86
CA LEU A 62 9.64 -1.26 8.45
C LEU A 62 11.08 -1.78 8.34
N CYS A 63 11.93 -0.99 7.67
CA CYS A 63 13.33 -1.38 7.50
C CYS A 63 13.99 -1.67 8.85
ZN ZN B . 0.64 7.60 5.80
ZN ZN C . 11.67 0.44 4.31
N GLY A 1 -41.39 -14.19 19.58
CA GLY A 1 -40.46 -14.81 18.66
C GLY A 1 -41.08 -15.96 17.89
N SER A 2 -42.21 -15.68 17.23
CA SER A 2 -42.91 -16.71 16.45
C SER A 2 -42.17 -17.00 15.15
N SER A 3 -41.96 -15.95 14.36
CA SER A 3 -41.27 -16.08 13.07
C SER A 3 -40.18 -15.03 12.93
N GLY A 4 -39.00 -15.46 12.51
CA GLY A 4 -37.89 -14.55 12.34
C GLY A 4 -36.75 -15.16 11.54
N SER A 5 -36.78 -14.96 10.23
CA SER A 5 -35.75 -15.49 9.35
C SER A 5 -34.57 -14.54 9.25
N SER A 6 -33.40 -15.00 9.70
CA SER A 6 -32.19 -14.19 9.67
C SER A 6 -31.00 -15.02 9.21
N GLY A 7 -29.90 -14.33 8.87
CA GLY A 7 -28.71 -15.02 8.42
C GLY A 7 -27.44 -14.31 8.85
N MET A 8 -26.48 -15.07 9.39
CA MET A 8 -25.21 -14.50 9.84
C MET A 8 -24.35 -14.12 8.65
N ALA A 9 -23.57 -13.05 8.81
CA ALA A 9 -22.69 -12.58 7.75
C ALA A 9 -21.32 -13.25 7.84
N SER A 10 -20.98 -14.03 6.83
CA SER A 10 -19.69 -14.73 6.80
C SER A 10 -18.89 -14.33 5.57
N GLY A 11 -17.67 -13.87 5.80
CA GLY A 11 -16.81 -13.46 4.70
C GLY A 11 -15.51 -14.24 4.66
N GLN A 12 -15.39 -15.13 3.69
CA GLN A 12 -14.17 -15.94 3.55
C GLN A 12 -13.09 -15.17 2.83
N PHE A 13 -11.87 -15.72 2.82
CA PHE A 13 -10.74 -15.08 2.16
C PHE A 13 -10.92 -15.08 0.65
N VAL A 14 -11.24 -13.92 0.09
CA VAL A 14 -11.44 -13.79 -1.34
C VAL A 14 -10.29 -14.43 -2.12
N ASN A 15 -9.12 -14.51 -1.48
CA ASN A 15 -7.95 -15.09 -2.11
C ASN A 15 -7.64 -14.41 -3.44
N LYS A 16 -7.73 -13.09 -3.45
CA LYS A 16 -7.46 -12.31 -4.67
C LYS A 16 -5.97 -12.11 -4.86
N LEU A 17 -5.55 -11.93 -6.11
CA LEU A 17 -4.15 -11.72 -6.44
C LEU A 17 -3.82 -10.24 -6.48
N GLN A 18 -4.83 -9.40 -6.27
CA GLN A 18 -4.64 -7.96 -6.29
C GLN A 18 -3.69 -7.51 -5.17
N GLU A 19 -2.55 -6.95 -5.57
CA GLU A 19 -1.56 -6.49 -4.61
C GLU A 19 -2.12 -5.36 -3.75
N GLU A 20 -2.06 -5.54 -2.43
CA GLU A 20 -2.57 -4.55 -1.49
C GLU A 20 -1.43 -3.97 -0.66
N VAL A 21 -1.49 -2.66 -0.41
CA VAL A 21 -0.47 -1.98 0.37
C VAL A 21 -1.09 -0.91 1.27
N ILE A 22 -0.54 -0.77 2.48
CA ILE A 22 -1.04 0.21 3.43
C ILE A 22 0.10 1.01 4.04
N CYS A 23 -0.19 2.26 4.40
CA CYS A 23 0.83 3.14 4.99
C CYS A 23 1.05 2.78 6.46
N PRO A 24 2.28 2.35 6.77
CA PRO A 24 2.66 1.98 8.13
C PRO A 24 2.74 3.18 9.07
N ILE A 25 2.46 4.35 8.53
CA ILE A 25 2.50 5.58 9.31
C ILE A 25 1.11 5.98 9.78
N CYS A 26 0.23 6.28 8.84
CA CYS A 26 -1.14 6.68 9.15
C CYS A 26 -2.04 5.45 9.25
N LEU A 27 -1.51 4.30 8.87
CA LEU A 27 -2.27 3.05 8.92
C LEU A 27 -3.54 3.16 8.08
N ASP A 28 -3.41 3.73 6.88
CA ASP A 28 -4.54 3.89 5.99
C ASP A 28 -4.13 3.68 4.54
N ILE A 29 -5.11 3.52 3.66
CA ILE A 29 -4.84 3.32 2.24
C ILE A 29 -4.12 4.51 1.64
N LEU A 30 -3.11 4.24 0.81
CA LEU A 30 -2.34 5.30 0.17
C LEU A 30 -2.82 5.52 -1.27
N GLN A 31 -3.54 6.60 -1.49
CA GLN A 31 -4.06 6.92 -2.82
C GLN A 31 -2.97 6.73 -3.87
N LYS A 32 -1.84 7.41 -3.68
CA LYS A 32 -0.73 7.32 -4.62
C LYS A 32 0.44 6.54 -4.01
N PRO A 33 0.57 5.27 -4.41
CA PRO A 33 1.64 4.39 -3.92
C PRO A 33 3.02 4.81 -4.44
N VAL A 34 3.79 5.45 -3.57
CA VAL A 34 5.13 5.91 -3.94
C VAL A 34 6.21 5.01 -3.32
N THR A 35 6.77 4.13 -4.13
CA THR A 35 7.81 3.22 -3.67
C THR A 35 9.13 3.95 -3.45
N ILE A 36 9.65 3.89 -2.23
CA ILE A 36 10.91 4.55 -1.90
C ILE A 36 12.09 3.61 -2.11
N ASP A 37 13.27 4.18 -2.26
CA ASP A 37 14.48 3.40 -2.47
C ASP A 37 14.66 2.36 -1.35
N CYS A 38 13.91 2.54 -0.28
CA CYS A 38 13.98 1.62 0.86
C CYS A 38 13.35 0.28 0.52
N GLY A 39 12.43 0.30 -0.44
CA GLY A 39 11.76 -0.93 -0.85
C GLY A 39 10.26 -0.87 -0.62
N HIS A 40 9.86 -0.46 0.57
CA HIS A 40 8.45 -0.36 0.91
C HIS A 40 7.82 0.89 0.29
N ASN A 41 6.50 0.99 0.39
CA ASN A 41 5.78 2.13 -0.16
C ASN A 41 5.17 2.98 0.95
N PHE A 42 4.74 4.19 0.60
CA PHE A 42 4.14 5.09 1.57
C PHE A 42 3.19 6.06 0.88
N CYS A 43 2.31 6.69 1.67
CA CYS A 43 1.35 7.64 1.14
C CYS A 43 1.95 9.03 1.04
N LEU A 44 1.68 9.71 -0.07
CA LEU A 44 2.20 11.05 -0.29
C LEU A 44 1.97 11.94 0.93
N LYS A 45 0.77 11.90 1.46
CA LYS A 45 0.42 12.68 2.64
C LYS A 45 1.45 12.49 3.75
N CYS A 46 2.09 11.32 3.76
CA CYS A 46 3.10 11.00 4.76
C CYS A 46 4.49 11.34 4.25
N ILE A 47 4.84 10.79 3.09
CA ILE A 47 6.15 11.03 2.49
C ILE A 47 6.46 12.52 2.43
N THR A 48 5.42 13.34 2.27
CA THR A 48 5.58 14.77 2.19
C THR A 48 6.04 15.35 3.54
N GLN A 49 5.48 14.81 4.62
CA GLN A 49 5.84 15.27 5.96
C GLN A 49 7.27 14.89 6.31
N ILE A 50 7.54 13.58 6.34
CA ILE A 50 8.87 13.10 6.65
C ILE A 50 9.95 13.94 5.97
N GLY A 51 9.73 14.24 4.70
CA GLY A 51 10.68 15.04 3.95
C GLY A 51 10.95 16.39 4.60
N GLU A 52 9.90 16.99 5.15
CA GLU A 52 10.02 18.29 5.80
C GLU A 52 10.64 18.15 7.19
N THR A 53 9.95 17.45 8.08
CA THR A 53 10.44 17.25 9.43
C THR A 53 11.89 16.78 9.43
N SER A 54 12.20 15.83 8.54
CA SER A 54 13.55 15.30 8.45
C SER A 54 14.24 15.81 7.18
N CYS A 55 15.32 16.56 7.37
CA CYS A 55 16.07 17.12 6.25
C CYS A 55 17.29 16.24 5.93
N GLY A 56 17.73 16.29 4.68
CA GLY A 56 18.88 15.50 4.26
C GLY A 56 18.47 14.19 3.63
N PHE A 57 18.21 13.18 4.46
CA PHE A 57 17.80 11.87 3.97
C PHE A 57 16.42 11.49 4.48
N PHE A 58 15.90 10.37 3.99
CA PHE A 58 14.58 9.90 4.41
C PHE A 58 14.70 8.85 5.51
N LYS A 59 13.59 8.59 6.19
CA LYS A 59 13.56 7.60 7.26
C LYS A 59 12.35 6.69 7.13
N CYS A 60 12.58 5.39 7.33
CA CYS A 60 11.50 4.41 7.24
C CYS A 60 11.42 3.57 8.52
N PRO A 61 10.19 3.45 9.06
CA PRO A 61 9.96 2.68 10.28
C PRO A 61 10.12 1.18 10.06
N LEU A 62 9.67 0.69 8.91
CA LEU A 62 9.77 -0.73 8.58
C LEU A 62 11.23 -1.15 8.44
N CYS A 63 12.03 -0.32 7.77
CA CYS A 63 13.44 -0.60 7.57
C CYS A 63 14.21 -0.52 8.89
ZN ZN B . 0.58 7.77 5.39
ZN ZN C . 11.42 0.75 4.26
N GLY A 1 -32.81 11.28 -1.78
CA GLY A 1 -31.35 11.28 -1.91
C GLY A 1 -30.79 9.89 -2.12
N SER A 2 -31.14 8.97 -1.23
CA SER A 2 -30.66 7.59 -1.32
C SER A 2 -31.81 6.63 -1.56
N SER A 3 -31.80 5.99 -2.73
CA SER A 3 -32.85 5.04 -3.08
C SER A 3 -32.28 3.89 -3.91
N GLY A 4 -32.44 2.68 -3.41
CA GLY A 4 -31.93 1.51 -4.11
C GLY A 4 -32.02 0.24 -3.28
N SER A 5 -32.77 -0.73 -3.77
CA SER A 5 -32.95 -2.00 -3.06
C SER A 5 -31.65 -2.81 -3.06
N SER A 6 -31.57 -3.78 -2.16
CA SER A 6 -30.39 -4.62 -2.05
C SER A 6 -30.76 -6.04 -1.67
N GLY A 7 -30.48 -6.99 -2.57
CA GLY A 7 -30.80 -8.38 -2.30
C GLY A 7 -30.28 -9.30 -3.38
N MET A 8 -29.06 -9.03 -3.85
CA MET A 8 -28.45 -9.85 -4.90
C MET A 8 -27.00 -10.16 -4.56
N ALA A 9 -26.59 -11.40 -4.79
CA ALA A 9 -25.23 -11.83 -4.51
C ALA A 9 -24.64 -12.60 -5.69
N SER A 10 -23.35 -12.36 -5.96
CA SER A 10 -22.67 -13.02 -7.06
C SER A 10 -21.95 -14.27 -6.59
N GLY A 11 -21.19 -14.12 -5.51
CA GLY A 11 -20.44 -15.25 -4.97
C GLY A 11 -19.25 -14.82 -4.15
N GLN A 12 -18.24 -15.69 -4.07
CA GLN A 12 -17.03 -15.40 -3.30
C GLN A 12 -15.82 -15.36 -4.21
N PHE A 13 -14.85 -14.52 -3.86
CA PHE A 13 -13.61 -14.40 -4.65
C PHE A 13 -13.93 -13.98 -6.08
N VAL A 14 -14.85 -13.01 -6.22
CA VAL A 14 -15.23 -12.52 -7.53
C VAL A 14 -14.11 -11.69 -8.16
N ASN A 15 -13.34 -11.01 -7.32
CA ASN A 15 -12.23 -10.18 -7.79
C ASN A 15 -10.95 -11.01 -7.91
N LYS A 16 -10.23 -10.79 -9.01
CA LYS A 16 -8.98 -11.51 -9.25
C LYS A 16 -7.98 -11.25 -8.13
N LEU A 17 -6.88 -11.99 -8.15
CA LEU A 17 -5.84 -11.84 -7.13
C LEU A 17 -4.91 -10.68 -7.47
N GLN A 18 -4.74 -9.77 -6.51
CA GLN A 18 -3.89 -8.60 -6.70
C GLN A 18 -3.19 -8.23 -5.40
N GLU A 19 -2.06 -7.54 -5.53
CA GLU A 19 -1.29 -7.11 -4.36
C GLU A 19 -1.70 -5.72 -3.91
N GLU A 20 -1.81 -5.53 -2.60
CA GLU A 20 -2.20 -4.24 -2.05
C GLU A 20 -1.16 -3.74 -1.05
N VAL A 21 -1.04 -2.42 -0.94
CA VAL A 21 -0.07 -1.81 -0.03
C VAL A 21 -0.74 -0.77 0.87
N ILE A 22 -0.37 -0.76 2.14
CA ILE A 22 -0.93 0.18 3.10
C ILE A 22 0.17 0.96 3.82
N CYS A 23 -0.15 2.18 4.23
CA CYS A 23 0.81 3.03 4.93
C CYS A 23 0.96 2.57 6.38
N PRO A 24 2.18 2.15 6.74
CA PRO A 24 2.49 1.69 8.10
C PRO A 24 2.47 2.82 9.12
N ILE A 25 2.20 4.04 8.65
CA ILE A 25 2.14 5.20 9.51
C ILE A 25 0.70 5.53 9.91
N CYS A 26 -0.14 5.75 8.91
CA CYS A 26 -1.54 6.08 9.15
C CYS A 26 -2.42 4.82 9.02
N LEU A 27 -1.86 3.79 8.40
CA LEU A 27 -2.60 2.54 8.21
C LEU A 27 -3.84 2.76 7.35
N ASP A 28 -3.68 3.54 6.28
CA ASP A 28 -4.79 3.82 5.38
C ASP A 28 -4.33 3.75 3.92
N ILE A 29 -5.29 3.79 3.01
CA ILE A 29 -4.99 3.72 1.58
C ILE A 29 -4.16 4.93 1.13
N LEU A 30 -3.01 4.65 0.53
CA LEU A 30 -2.12 5.71 0.06
C LEU A 30 -2.46 6.09 -1.38
N GLN A 31 -3.16 7.21 -1.54
CA GLN A 31 -3.54 7.69 -2.86
C GLN A 31 -2.46 7.37 -3.89
N LYS A 32 -1.30 8.00 -3.73
CA LYS A 32 -0.18 7.79 -4.64
C LYS A 32 0.92 6.97 -3.97
N PRO A 33 1.08 5.72 -4.41
CA PRO A 33 2.10 4.81 -3.86
C PRO A 33 3.52 5.23 -4.25
N VAL A 34 4.24 5.80 -3.29
CA VAL A 34 5.61 6.24 -3.53
C VAL A 34 6.61 5.26 -2.95
N THR A 35 7.20 4.44 -3.82
CA THR A 35 8.18 3.45 -3.39
C THR A 35 9.53 4.11 -3.10
N ILE A 36 10.03 3.89 -1.89
CA ILE A 36 11.31 4.45 -1.49
C ILE A 36 12.45 3.46 -1.71
N ASP A 37 13.68 3.98 -1.81
CA ASP A 37 14.85 3.13 -2.02
C ASP A 37 14.91 2.02 -0.98
N CYS A 38 14.17 2.19 0.11
CA CYS A 38 14.15 1.21 1.19
C CYS A 38 13.43 -0.06 0.73
N GLY A 39 12.49 0.09 -0.18
CA GLY A 39 11.74 -1.06 -0.68
C GLY A 39 10.26 -0.93 -0.43
N HIS A 40 9.89 -0.61 0.80
CA HIS A 40 8.48 -0.46 1.18
C HIS A 40 7.89 0.80 0.55
N ASN A 41 6.58 0.98 0.72
CA ASN A 41 5.90 2.14 0.18
C ASN A 41 5.16 2.90 1.28
N PHE A 42 4.80 4.15 0.99
CA PHE A 42 4.09 4.99 1.96
C PHE A 42 3.14 5.95 1.25
N CYS A 43 2.38 6.69 2.04
CA CYS A 43 1.43 7.66 1.48
C CYS A 43 2.02 9.06 1.48
N LEU A 44 1.81 9.78 0.38
CA LEU A 44 2.33 11.13 0.24
C LEU A 44 2.02 11.96 1.48
N LYS A 45 0.76 11.90 1.92
CA LYS A 45 0.33 12.64 3.10
C LYS A 45 1.29 12.42 4.27
N CYS A 46 1.94 11.26 4.27
CA CYS A 46 2.89 10.92 5.33
C CYS A 46 4.31 11.28 4.93
N ILE A 47 4.75 10.74 3.79
CA ILE A 47 6.10 11.00 3.30
C ILE A 47 6.42 12.49 3.36
N THR A 48 5.38 13.32 3.32
CA THR A 48 5.55 14.76 3.36
C THR A 48 5.94 15.23 4.76
N GLN A 49 5.26 14.70 5.77
CA GLN A 49 5.54 15.05 7.15
C GLN A 49 6.99 14.76 7.51
N ILE A 50 7.52 13.66 7.00
CA ILE A 50 8.89 13.28 7.25
C ILE A 50 9.86 14.06 6.39
N GLY A 51 9.48 14.28 5.13
CA GLY A 51 10.33 15.03 4.23
C GLY A 51 10.54 16.47 4.67
N GLU A 52 9.48 17.10 5.16
CA GLU A 52 9.55 18.48 5.62
C GLU A 52 10.68 18.65 6.64
N THR A 53 10.75 17.73 7.59
CA THR A 53 11.79 17.79 8.62
C THR A 53 13.11 17.24 8.10
N SER A 54 13.05 16.13 7.40
CA SER A 54 14.25 15.50 6.83
C SER A 54 14.77 16.30 5.65
N CYS A 55 16.04 16.69 5.71
CA CYS A 55 16.66 17.47 4.65
C CYS A 55 16.45 16.79 3.30
N GLY A 56 16.59 15.47 3.27
CA GLY A 56 16.40 14.72 2.04
C GLY A 56 16.22 13.24 2.28
N PHE A 57 16.98 12.69 3.22
CA PHE A 57 16.90 11.27 3.53
C PHE A 57 15.62 10.96 4.31
N PHE A 58 14.80 10.08 3.75
CA PHE A 58 13.54 9.69 4.38
C PHE A 58 13.73 8.46 5.26
N LYS A 59 13.45 8.62 6.55
CA LYS A 59 13.59 7.52 7.50
C LYS A 59 12.36 6.62 7.46
N CYS A 60 12.61 5.31 7.37
CA CYS A 60 11.52 4.33 7.33
C CYS A 60 11.42 3.57 8.64
N PRO A 61 10.20 3.45 9.16
CA PRO A 61 9.92 2.74 10.42
C PRO A 61 10.13 1.24 10.30
N LEU A 62 9.81 0.70 9.13
CA LEU A 62 9.95 -0.73 8.87
C LEU A 62 11.42 -1.13 8.81
N CYS A 63 12.22 -0.30 8.12
CA CYS A 63 13.64 -0.57 7.98
C CYS A 63 14.41 -0.10 9.22
ZN ZN B . 0.43 7.61 5.67
ZN ZN C . 11.45 0.47 4.56
N GLY A 1 -34.10 -32.15 9.26
CA GLY A 1 -33.71 -31.06 8.39
C GLY A 1 -34.16 -29.71 8.91
N SER A 2 -33.30 -29.07 9.69
CA SER A 2 -33.60 -27.76 10.26
C SER A 2 -33.06 -26.64 9.39
N SER A 3 -31.76 -26.69 9.12
CA SER A 3 -31.11 -25.67 8.30
C SER A 3 -29.97 -26.29 7.48
N GLY A 4 -30.13 -26.28 6.16
CA GLY A 4 -29.11 -26.83 5.29
C GLY A 4 -28.76 -25.90 4.16
N SER A 5 -27.99 -24.86 4.47
CA SER A 5 -27.59 -23.88 3.46
C SER A 5 -26.66 -24.52 2.44
N SER A 6 -26.35 -23.77 1.38
CA SER A 6 -25.47 -24.26 0.32
C SER A 6 -24.04 -24.39 0.83
N GLY A 7 -23.33 -25.38 0.29
CA GLY A 7 -21.95 -25.59 0.70
C GLY A 7 -20.97 -24.86 -0.18
N MET A 8 -20.21 -25.61 -0.98
CA MET A 8 -19.23 -25.02 -1.88
C MET A 8 -19.91 -24.36 -3.08
N ALA A 9 -19.47 -23.15 -3.41
CA ALA A 9 -20.04 -22.42 -4.54
C ALA A 9 -19.01 -21.46 -5.14
N SER A 10 -18.53 -21.79 -6.33
CA SER A 10 -17.54 -20.96 -7.02
C SER A 10 -18.22 -19.86 -7.81
N GLY A 11 -17.44 -18.85 -8.20
CA GLY A 11 -17.99 -17.75 -8.97
C GLY A 11 -17.01 -17.22 -9.99
N GLN A 12 -17.05 -15.91 -10.23
CA GLN A 12 -16.16 -15.28 -11.19
C GLN A 12 -14.75 -15.13 -10.62
N PHE A 13 -13.85 -16.00 -11.06
CA PHE A 13 -12.47 -15.96 -10.59
C PHE A 13 -11.62 -15.04 -11.46
N VAL A 14 -10.54 -14.51 -10.88
CA VAL A 14 -9.65 -13.61 -11.60
C VAL A 14 -8.24 -14.19 -11.67
N ASN A 15 -7.68 -14.20 -12.88
CA ASN A 15 -6.33 -14.72 -13.08
C ASN A 15 -5.28 -13.68 -12.72
N LYS A 16 -5.60 -12.41 -12.98
CA LYS A 16 -4.68 -11.32 -12.67
C LYS A 16 -4.40 -11.24 -11.17
N LEU A 17 -3.14 -11.08 -10.82
CA LEU A 17 -2.73 -11.00 -9.42
C LEU A 17 -2.59 -9.55 -8.99
N GLN A 18 -3.18 -9.22 -7.84
CA GLN A 18 -3.12 -7.86 -7.31
C GLN A 18 -2.70 -7.86 -5.85
N GLU A 19 -1.88 -6.89 -5.47
CA GLU A 19 -1.41 -6.78 -4.10
C GLU A 19 -2.01 -5.56 -3.41
N GLU A 20 -2.06 -5.61 -2.08
CA GLU A 20 -2.62 -4.51 -1.29
C GLU A 20 -1.51 -3.64 -0.72
N VAL A 21 -1.68 -2.33 -0.84
CA VAL A 21 -0.69 -1.38 -0.34
C VAL A 21 -1.29 -0.48 0.74
N ILE A 22 -0.63 -0.44 1.89
CA ILE A 22 -1.09 0.38 3.00
C ILE A 22 0.07 1.08 3.71
N CYS A 23 -0.16 2.30 4.16
CA CYS A 23 0.87 3.07 4.86
C CYS A 23 1.05 2.56 6.29
N PRO A 24 2.27 2.09 6.60
CA PRO A 24 2.60 1.56 7.92
C PRO A 24 2.65 2.66 8.97
N ILE A 25 2.44 3.90 8.55
CA ILE A 25 2.46 5.04 9.45
C ILE A 25 1.06 5.40 9.92
N CYS A 26 0.23 5.87 8.99
CA CYS A 26 -1.13 6.24 9.30
C CYS A 26 -2.06 5.03 9.24
N LEU A 27 -1.54 3.92 8.73
CA LEU A 27 -2.32 2.69 8.61
C LEU A 27 -3.57 2.92 7.77
N ASP A 28 -3.40 3.55 6.62
CA ASP A 28 -4.51 3.82 5.72
C ASP A 28 -4.08 3.71 4.26
N ILE A 29 -5.04 3.81 3.35
CA ILE A 29 -4.75 3.73 1.92
C ILE A 29 -3.95 4.94 1.45
N LEU A 30 -2.92 4.69 0.66
CA LEU A 30 -2.08 5.76 0.13
C LEU A 30 -2.45 6.08 -1.31
N GLN A 31 -3.18 7.18 -1.50
CA GLN A 31 -3.61 7.60 -2.82
C GLN A 31 -2.51 7.35 -3.85
N LYS A 32 -1.34 7.95 -3.62
CA LYS A 32 -0.21 7.79 -4.52
C LYS A 32 0.88 6.93 -3.89
N PRO A 33 0.95 5.65 -4.31
CA PRO A 33 1.93 4.70 -3.79
C PRO A 33 3.35 5.03 -4.25
N VAL A 34 4.12 5.65 -3.35
CA VAL A 34 5.50 6.02 -3.67
C VAL A 34 6.49 5.04 -3.04
N THR A 35 7.09 4.20 -3.88
CA THR A 35 8.05 3.22 -3.42
C THR A 35 9.43 3.84 -3.21
N ILE A 36 9.85 3.93 -1.96
CA ILE A 36 11.13 4.51 -1.62
C ILE A 36 12.27 3.51 -1.86
N ASP A 37 13.47 4.03 -2.04
CA ASP A 37 14.64 3.19 -2.28
C ASP A 37 14.78 2.13 -1.18
N CYS A 38 14.06 2.32 -0.09
CA CYS A 38 14.11 1.38 1.03
C CYS A 38 13.46 0.05 0.65
N GLY A 39 12.52 0.11 -0.30
CA GLY A 39 11.84 -1.10 -0.75
C GLY A 39 10.34 -1.01 -0.53
N HIS A 40 9.93 -0.61 0.66
CA HIS A 40 8.51 -0.49 0.98
C HIS A 40 7.93 0.80 0.42
N ASN A 41 6.61 0.94 0.50
CA ASN A 41 5.94 2.14 0.01
C ASN A 41 5.27 2.91 1.14
N PHE A 42 4.84 4.12 0.85
CA PHE A 42 4.18 4.96 1.85
C PHE A 42 3.22 5.95 1.19
N CYS A 43 2.46 6.66 2.01
CA CYS A 43 1.49 7.63 1.51
C CYS A 43 2.11 9.03 1.45
N LEU A 44 1.83 9.74 0.37
CA LEU A 44 2.36 11.09 0.19
C LEU A 44 2.16 11.93 1.45
N LYS A 45 0.95 11.89 1.99
CA LYS A 45 0.63 12.64 3.20
C LYS A 45 1.66 12.38 4.29
N CYS A 46 2.29 11.21 4.24
CA CYS A 46 3.30 10.84 5.22
C CYS A 46 4.70 11.15 4.71
N ILE A 47 4.92 10.91 3.43
CA ILE A 47 6.21 11.17 2.81
C ILE A 47 6.49 12.67 2.73
N THR A 48 5.43 13.47 2.80
CA THR A 48 5.56 14.92 2.73
C THR A 48 6.00 15.50 4.07
N GLN A 49 5.56 14.88 5.15
CA GLN A 49 5.91 15.32 6.48
C GLN A 49 7.32 14.87 6.86
N ILE A 50 7.71 13.71 6.34
CA ILE A 50 9.04 13.17 6.62
C ILE A 50 10.11 13.88 5.82
N GLY A 51 9.81 14.15 4.55
CA GLY A 51 10.77 14.84 3.70
C GLY A 51 11.00 16.28 4.11
N GLU A 52 9.92 16.96 4.49
CA GLU A 52 10.01 18.34 4.91
C GLU A 52 10.71 18.47 6.25
N THR A 53 10.23 17.72 7.24
CA THR A 53 10.82 17.74 8.57
C THR A 53 12.29 17.33 8.53
N SER A 54 12.58 16.24 7.84
CA SER A 54 13.96 15.76 7.73
C SER A 54 14.62 16.30 6.47
N CYS A 55 15.76 16.96 6.66
CA CYS A 55 16.50 17.53 5.53
C CYS A 55 16.86 16.47 4.51
N GLY A 56 16.21 16.51 3.36
CA GLY A 56 16.48 15.53 2.31
C GLY A 56 16.79 14.17 2.87
N PHE A 57 15.96 13.71 3.81
CA PHE A 57 16.16 12.40 4.44
C PHE A 57 14.82 11.78 4.81
N PHE A 58 14.72 10.47 4.67
CA PHE A 58 13.50 9.75 4.99
C PHE A 58 13.80 8.45 5.73
N LYS A 59 13.32 8.35 6.96
CA LYS A 59 13.54 7.16 7.78
C LYS A 59 12.33 6.23 7.73
N CYS A 60 12.59 4.95 7.46
CA CYS A 60 11.52 3.97 7.38
C CYS A 60 11.44 3.13 8.66
N PRO A 61 10.23 3.02 9.22
CA PRO A 61 10.01 2.26 10.45
C PRO A 61 10.16 0.76 10.25
N LEU A 62 9.75 0.28 9.08
CA LEU A 62 9.85 -1.14 8.76
C LEU A 62 11.30 -1.56 8.59
N CYS A 63 12.05 -0.78 7.82
CA CYS A 63 13.46 -1.07 7.58
C CYS A 63 14.26 -1.01 8.88
ZN ZN B . 0.76 7.64 5.74
ZN ZN C . 11.39 0.40 4.31
N GLY A 1 -22.33 -33.95 20.49
CA GLY A 1 -22.27 -32.52 20.76
C GLY A 1 -23.32 -31.74 20.00
N SER A 2 -23.12 -30.43 19.89
CA SER A 2 -24.06 -29.57 19.19
C SER A 2 -23.75 -29.53 17.70
N SER A 3 -24.77 -29.80 16.88
CA SER A 3 -24.61 -29.81 15.43
C SER A 3 -24.30 -28.41 14.92
N GLY A 4 -23.70 -28.34 13.73
CA GLY A 4 -23.35 -27.05 13.14
C GLY A 4 -23.47 -27.06 11.63
N SER A 5 -23.38 -25.87 11.04
CA SER A 5 -23.48 -25.75 9.58
C SER A 5 -22.42 -24.78 9.06
N SER A 6 -21.41 -25.32 8.38
CA SER A 6 -20.34 -24.50 7.84
C SER A 6 -20.41 -24.46 6.31
N GLY A 7 -20.21 -23.28 5.74
CA GLY A 7 -20.25 -23.14 4.29
C GLY A 7 -20.53 -21.71 3.86
N MET A 8 -19.47 -20.98 3.53
CA MET A 8 -19.60 -19.59 3.11
C MET A 8 -20.09 -19.52 1.67
N ALA A 9 -20.89 -18.49 1.37
CA ALA A 9 -21.42 -18.31 0.02
C ALA A 9 -20.82 -17.08 -0.64
N SER A 10 -20.74 -17.11 -1.98
CA SER A 10 -20.18 -16.00 -2.73
C SER A 10 -20.91 -15.82 -4.05
N GLY A 11 -20.88 -14.60 -4.59
CA GLY A 11 -21.54 -14.32 -5.84
C GLY A 11 -20.57 -13.93 -6.93
N GLN A 12 -20.65 -12.69 -7.38
CA GLN A 12 -19.77 -12.19 -8.44
C GLN A 12 -19.18 -10.83 -8.06
N PHE A 13 -17.87 -10.71 -8.21
CA PHE A 13 -17.18 -9.45 -7.89
C PHE A 13 -15.93 -9.28 -8.75
N VAL A 14 -15.55 -8.03 -8.99
CA VAL A 14 -14.37 -7.73 -9.79
C VAL A 14 -13.10 -7.80 -8.95
N ASN A 15 -12.12 -8.55 -9.45
CA ASN A 15 -10.85 -8.70 -8.74
C ASN A 15 -9.68 -8.35 -9.66
N LYS A 16 -8.55 -8.01 -9.04
CA LYS A 16 -7.35 -7.65 -9.80
C LYS A 16 -6.22 -8.64 -9.52
N LEU A 17 -5.21 -8.62 -10.38
CA LEU A 17 -4.06 -9.51 -10.24
C LEU A 17 -2.94 -8.84 -9.46
N GLN A 18 -3.21 -7.63 -8.97
CA GLN A 18 -2.22 -6.88 -8.21
C GLN A 18 -2.63 -6.78 -6.74
N GLU A 19 -1.64 -6.75 -5.86
CA GLU A 19 -1.90 -6.66 -4.42
C GLU A 19 -1.74 -5.23 -3.92
N GLU A 20 -2.63 -4.81 -3.04
CA GLU A 20 -2.59 -3.46 -2.48
C GLU A 20 -1.86 -3.44 -1.15
N VAL A 21 -1.44 -2.25 -0.73
CA VAL A 21 -0.73 -2.10 0.54
C VAL A 21 -1.29 -0.93 1.34
N ILE A 22 -0.83 -0.79 2.58
CA ILE A 22 -1.28 0.29 3.45
C ILE A 22 -0.10 0.97 4.14
N CYS A 23 -0.28 2.24 4.49
CA CYS A 23 0.77 3.01 5.15
C CYS A 23 0.89 2.60 6.63
N PRO A 24 2.08 2.14 7.02
CA PRO A 24 2.35 1.71 8.39
C PRO A 24 2.37 2.88 9.37
N ILE A 25 2.20 4.09 8.84
CA ILE A 25 2.20 5.29 9.67
C ILE A 25 0.78 5.73 10.00
N CYS A 26 0.05 6.19 8.99
CA CYS A 26 -1.32 6.64 9.17
C CYS A 26 -2.28 5.45 9.18
N LEU A 27 -1.88 4.36 8.54
CA LEU A 27 -2.71 3.17 8.49
C LEU A 27 -4.00 3.43 7.70
N ASP A 28 -3.85 4.04 6.53
CA ASP A 28 -5.01 4.35 5.70
C ASP A 28 -4.76 3.90 4.25
N ILE A 29 -5.83 3.83 3.47
CA ILE A 29 -5.72 3.42 2.07
C ILE A 29 -4.69 4.25 1.33
N LEU A 30 -3.62 3.60 0.89
CA LEU A 30 -2.56 4.27 0.17
C LEU A 30 -3.07 4.86 -1.14
N GLN A 31 -3.21 6.19 -1.18
CA GLN A 31 -3.69 6.87 -2.37
C GLN A 31 -2.64 6.85 -3.48
N LYS A 32 -1.38 6.99 -3.10
CA LYS A 32 -0.28 6.98 -4.05
C LYS A 32 0.95 6.29 -3.47
N PRO A 33 1.18 5.04 -3.88
CA PRO A 33 2.32 4.25 -3.41
C PRO A 33 3.65 4.77 -3.95
N VAL A 34 4.40 5.47 -3.11
CA VAL A 34 5.69 6.02 -3.50
C VAL A 34 6.83 5.12 -3.06
N THR A 35 7.37 4.36 -4.00
CA THR A 35 8.48 3.46 -3.72
C THR A 35 9.77 4.21 -3.46
N ILE A 36 10.31 4.08 -2.25
CA ILE A 36 11.54 4.76 -1.88
C ILE A 36 12.75 3.87 -2.14
N ASP A 37 13.93 4.49 -2.24
CA ASP A 37 15.16 3.76 -2.47
C ASP A 37 15.34 2.65 -1.45
N CYS A 38 14.57 2.72 -0.37
CA CYS A 38 14.64 1.72 0.69
C CYS A 38 14.00 0.40 0.23
N GLY A 39 13.02 0.51 -0.64
CA GLY A 39 12.34 -0.68 -1.15
C GLY A 39 10.85 -0.63 -0.90
N HIS A 40 10.46 -0.36 0.35
CA HIS A 40 9.05 -0.30 0.72
C HIS A 40 8.40 0.96 0.15
N ASN A 41 7.09 1.08 0.35
CA ASN A 41 6.35 2.24 -0.14
C ASN A 41 5.62 2.94 1.00
N PHE A 42 5.26 4.20 0.77
CA PHE A 42 4.56 4.99 1.78
C PHE A 42 3.62 6.00 1.13
N CYS A 43 2.78 6.63 1.93
CA CYS A 43 1.84 7.62 1.43
C CYS A 43 2.47 9.01 1.43
N LEU A 44 2.27 9.73 0.33
CA LEU A 44 2.82 11.08 0.19
C LEU A 44 2.53 11.92 1.44
N LYS A 45 1.28 11.87 1.90
CA LYS A 45 0.87 12.61 3.09
C LYS A 45 1.85 12.38 4.23
N CYS A 46 2.48 11.21 4.24
CA CYS A 46 3.43 10.86 5.28
C CYS A 46 4.86 11.20 4.85
N ILE A 47 5.25 10.72 3.68
CA ILE A 47 6.59 10.97 3.15
C ILE A 47 6.90 12.46 3.13
N THR A 48 5.87 13.27 2.92
CA THR A 48 6.03 14.72 2.88
C THR A 48 6.17 15.30 4.28
N GLN A 49 5.08 15.24 5.06
CA GLN A 49 5.10 15.76 6.42
C GLN A 49 6.36 15.34 7.15
N ILE A 50 6.92 14.19 6.76
CA ILE A 50 8.14 13.69 7.39
C ILE A 50 9.38 14.18 6.64
N GLY A 51 9.30 14.23 5.32
CA GLY A 51 10.42 14.69 4.53
C GLY A 51 10.76 16.15 4.78
N GLU A 52 9.72 16.98 4.90
CA GLU A 52 9.92 18.40 5.15
C GLU A 52 10.83 18.63 6.36
N THR A 53 10.72 17.75 7.34
CA THR A 53 11.52 17.85 8.56
C THR A 53 12.84 17.10 8.40
N SER A 54 12.87 16.17 7.45
CA SER A 54 14.07 15.37 7.21
C SER A 54 15.13 16.20 6.47
N CYS A 55 14.72 16.81 5.36
CA CYS A 55 15.62 17.62 4.56
C CYS A 55 16.82 16.81 4.10
N GLY A 56 16.59 15.55 3.72
CA GLY A 56 17.66 14.69 3.28
C GLY A 56 17.18 13.27 3.00
N PHE A 57 17.14 12.45 4.04
CA PHE A 57 16.70 11.06 3.90
C PHE A 57 15.42 10.82 4.70
N PHE A 58 14.42 10.25 4.03
CA PHE A 58 13.14 9.95 4.67
C PHE A 58 13.22 8.66 5.47
N LYS A 59 13.13 8.77 6.78
CA LYS A 59 13.19 7.61 7.66
C LYS A 59 12.08 6.61 7.33
N CYS A 60 12.35 5.34 7.54
CA CYS A 60 11.38 4.29 7.25
C CYS A 60 11.19 3.38 8.47
N PRO A 61 9.95 3.30 8.95
CA PRO A 61 9.61 2.47 10.11
C PRO A 61 9.69 0.97 9.80
N LEU A 62 9.35 0.61 8.57
CA LEU A 62 9.38 -0.78 8.14
C LEU A 62 10.81 -1.30 8.08
N CYS A 63 11.71 -0.48 7.55
CA CYS A 63 13.12 -0.85 7.42
C CYS A 63 13.70 -1.21 8.80
ZN ZN B . 0.92 7.62 5.70
ZN ZN C . 11.77 0.80 4.11
N GLY A 1 -15.66 -39.30 -11.36
CA GLY A 1 -16.18 -39.87 -10.13
C GLY A 1 -17.66 -39.58 -9.93
N SER A 2 -17.97 -38.52 -9.21
CA SER A 2 -19.35 -38.14 -8.94
C SER A 2 -19.56 -36.65 -9.18
N SER A 3 -20.49 -36.32 -10.07
CA SER A 3 -20.78 -34.93 -10.39
C SER A 3 -22.27 -34.63 -10.16
N GLY A 4 -22.64 -33.36 -10.38
CA GLY A 4 -24.02 -32.96 -10.19
C GLY A 4 -24.38 -31.72 -10.99
N SER A 5 -23.63 -30.65 -10.76
CA SER A 5 -23.87 -29.39 -11.46
C SER A 5 -22.57 -28.79 -11.98
N SER A 6 -22.52 -28.53 -13.28
CA SER A 6 -21.33 -27.97 -13.90
C SER A 6 -21.69 -26.73 -14.72
N GLY A 7 -20.75 -25.77 -14.77
CA GLY A 7 -20.98 -24.54 -15.51
C GLY A 7 -21.62 -24.80 -16.86
N MET A 8 -22.64 -24.02 -17.19
CA MET A 8 -23.33 -24.16 -18.47
C MET A 8 -22.64 -23.35 -19.56
N ALA A 9 -22.07 -22.21 -19.18
CA ALA A 9 -21.37 -21.34 -20.12
C ALA A 9 -19.87 -21.37 -19.88
N SER A 10 -19.10 -21.33 -20.96
CA SER A 10 -17.64 -21.35 -20.85
C SER A 10 -17.01 -20.41 -21.88
N GLY A 11 -15.73 -20.10 -21.70
CA GLY A 11 -15.03 -19.23 -22.62
C GLY A 11 -14.46 -18.01 -21.93
N GLN A 12 -15.23 -17.41 -21.04
CA GLN A 12 -14.79 -16.22 -20.32
C GLN A 12 -13.75 -16.59 -19.27
N PHE A 13 -12.53 -16.08 -19.45
CA PHE A 13 -11.44 -16.36 -18.53
C PHE A 13 -11.31 -15.24 -17.49
N VAL A 14 -10.77 -15.58 -16.33
CA VAL A 14 -10.59 -14.61 -15.26
C VAL A 14 -9.25 -13.89 -15.38
N ASN A 15 -9.05 -12.88 -14.54
CA ASN A 15 -7.81 -12.10 -14.57
C ASN A 15 -6.94 -12.46 -13.38
N LYS A 16 -5.73 -11.91 -13.36
CA LYS A 16 -4.79 -12.16 -12.27
C LYS A 16 -5.32 -11.60 -10.95
N LEU A 17 -4.66 -11.96 -9.86
CA LEU A 17 -5.05 -11.50 -8.53
C LEU A 17 -4.50 -10.10 -8.26
N GLN A 18 -4.85 -9.55 -7.10
CA GLN A 18 -4.39 -8.22 -6.71
C GLN A 18 -4.30 -8.09 -5.20
N GLU A 19 -3.69 -7.01 -4.74
CA GLU A 19 -3.54 -6.77 -3.31
C GLU A 19 -3.61 -5.28 -3.00
N GLU A 20 -4.05 -4.94 -1.79
CA GLU A 20 -4.16 -3.56 -1.37
C GLU A 20 -2.94 -3.13 -0.54
N VAL A 21 -2.48 -1.91 -0.77
CA VAL A 21 -1.33 -1.39 -0.05
C VAL A 21 -1.77 -0.44 1.08
N ILE A 22 -1.08 -0.52 2.22
CA ILE A 22 -1.40 0.33 3.35
C ILE A 22 -0.14 1.02 3.89
N CYS A 23 -0.33 2.22 4.42
CA CYS A 23 0.79 2.99 4.97
C CYS A 23 1.10 2.56 6.39
N PRO A 24 2.33 2.09 6.60
CA PRO A 24 2.79 1.63 7.93
C PRO A 24 2.95 2.78 8.91
N ILE A 25 2.68 4.00 8.45
CA ILE A 25 2.80 5.18 9.29
C ILE A 25 1.45 5.59 9.85
N CYS A 26 0.54 5.96 8.95
CA CYS A 26 -0.81 6.38 9.34
C CYS A 26 -1.77 5.18 9.36
N LEU A 27 -1.27 4.03 8.93
CA LEU A 27 -2.08 2.82 8.88
C LEU A 27 -3.35 3.04 8.08
N ASP A 28 -3.21 3.69 6.92
CA ASP A 28 -4.35 3.96 6.06
C ASP A 28 -3.97 3.78 4.59
N ILE A 29 -4.96 3.51 3.75
CA ILE A 29 -4.73 3.32 2.32
C ILE A 29 -4.03 4.53 1.72
N LEU A 30 -3.01 4.26 0.90
CA LEU A 30 -2.26 5.32 0.25
C LEU A 30 -2.68 5.49 -1.21
N GLN A 31 -3.46 6.53 -1.48
CA GLN A 31 -3.93 6.80 -2.84
C GLN A 31 -2.86 6.46 -3.86
N LYS A 32 -1.74 7.18 -3.81
CA LYS A 32 -0.64 6.95 -4.74
C LYS A 32 0.51 6.23 -4.05
N PRO A 33 0.63 4.92 -4.29
CA PRO A 33 1.69 4.10 -3.70
C PRO A 33 3.07 4.42 -4.27
N VAL A 34 3.87 5.13 -3.49
CA VAL A 34 5.22 5.51 -3.91
C VAL A 34 6.26 4.59 -3.30
N THR A 35 6.88 3.76 -4.14
CA THR A 35 7.90 2.83 -3.67
C THR A 35 9.26 3.51 -3.58
N ILE A 36 9.77 3.63 -2.36
CA ILE A 36 11.07 4.26 -2.15
C ILE A 36 12.21 3.26 -2.34
N ASP A 37 13.41 3.78 -2.58
CA ASP A 37 14.58 2.93 -2.79
C ASP A 37 14.73 1.93 -1.65
N CYS A 38 14.04 2.19 -0.54
CA CYS A 38 14.11 1.32 0.62
C CYS A 38 13.47 -0.04 0.32
N GLY A 39 12.52 -0.04 -0.60
CA GLY A 39 11.84 -1.27 -0.98
C GLY A 39 10.34 -1.20 -0.78
N HIS A 40 9.92 -0.73 0.40
CA HIS A 40 8.50 -0.60 0.71
C HIS A 40 7.93 0.70 0.15
N ASN A 41 6.64 0.90 0.34
CA ASN A 41 5.97 2.10 -0.15
C ASN A 41 5.33 2.88 1.01
N PHE A 42 4.82 4.06 0.70
CA PHE A 42 4.17 4.90 1.70
C PHE A 42 3.17 5.85 1.06
N CYS A 43 2.35 6.48 1.89
CA CYS A 43 1.34 7.41 1.40
C CYS A 43 1.92 8.81 1.24
N LEU A 44 1.53 9.48 0.16
CA LEU A 44 2.03 10.83 -0.12
C LEU A 44 1.89 11.72 1.10
N LYS A 45 0.72 11.68 1.74
CA LYS A 45 0.45 12.48 2.93
C LYS A 45 1.56 12.29 3.97
N CYS A 46 2.22 11.14 3.92
CA CYS A 46 3.30 10.83 4.85
C CYS A 46 4.65 11.18 4.25
N ILE A 47 4.92 10.64 3.06
CA ILE A 47 6.18 10.90 2.38
C ILE A 47 6.47 12.40 2.31
N THR A 48 5.42 13.21 2.36
CA THR A 48 5.56 14.65 2.30
C THR A 48 5.89 15.23 3.67
N GLN A 49 4.94 15.17 4.59
CA GLN A 49 5.13 15.68 5.94
C GLN A 49 6.51 15.32 6.46
N ILE A 50 6.95 14.10 6.17
CA ILE A 50 8.26 13.63 6.61
C ILE A 50 9.39 14.35 5.87
N GLY A 51 9.15 14.63 4.60
CA GLY A 51 10.15 15.32 3.80
C GLY A 51 10.30 16.78 4.18
N GLU A 52 9.18 17.41 4.51
CA GLU A 52 9.20 18.82 4.89
C GLU A 52 10.45 19.16 5.69
N THR A 53 10.57 18.58 6.87
CA THR A 53 11.73 18.81 7.73
C THR A 53 13.02 18.41 7.04
N SER A 54 14.00 19.33 7.02
CA SER A 54 15.28 19.07 6.38
C SER A 54 16.21 18.30 7.32
N CYS A 55 15.63 17.69 8.35
CA CYS A 55 16.40 16.92 9.31
C CYS A 55 17.56 16.21 8.64
N GLY A 56 17.33 15.74 7.42
CA GLY A 56 18.37 15.04 6.68
C GLY A 56 17.81 14.20 5.54
N PHE A 57 17.63 12.91 5.79
CA PHE A 57 17.10 12.01 4.77
C PHE A 57 15.84 11.31 5.27
N PHE A 58 15.09 10.72 4.34
CA PHE A 58 13.86 10.01 4.68
C PHE A 58 14.16 8.64 5.27
N LYS A 59 13.71 8.43 6.49
CA LYS A 59 13.92 7.15 7.18
C LYS A 59 12.71 6.24 7.03
N CYS A 60 12.94 4.94 7.12
CA CYS A 60 11.87 3.96 7.00
C CYS A 60 11.78 3.09 8.24
N PRO A 61 10.56 2.98 8.79
CA PRO A 61 10.30 2.18 9.99
C PRO A 61 10.44 0.68 9.74
N LEU A 62 9.97 0.24 8.58
CA LEU A 62 10.04 -1.18 8.22
C LEU A 62 11.49 -1.62 8.03
N CYS A 63 12.27 -0.80 7.33
CA CYS A 63 13.67 -1.10 7.09
C CYS A 63 14.48 -0.99 8.37
ZN ZN B . 0.87 7.60 5.65
ZN ZN C . 11.47 0.25 3.89
N GLY A 1 -21.56 -11.38 5.32
CA GLY A 1 -21.19 -12.53 4.52
C GLY A 1 -21.83 -12.51 3.14
N SER A 2 -23.14 -12.25 3.11
CA SER A 2 -23.87 -12.21 1.84
C SER A 2 -23.10 -11.42 0.80
N SER A 3 -22.80 -10.16 1.11
CA SER A 3 -22.08 -9.30 0.19
C SER A 3 -22.88 -9.06 -1.09
N GLY A 4 -24.18 -8.84 -0.93
CA GLY A 4 -25.03 -8.60 -2.08
C GLY A 4 -26.11 -9.67 -2.23
N SER A 5 -27.33 -9.35 -1.82
CA SER A 5 -28.44 -10.28 -1.92
C SER A 5 -28.89 -10.45 -3.36
N SER A 6 -29.10 -9.32 -4.05
CA SER A 6 -29.54 -9.34 -5.44
C SER A 6 -28.34 -9.34 -6.38
N GLY A 7 -28.41 -10.19 -7.40
CA GLY A 7 -27.32 -10.28 -8.36
C GLY A 7 -27.68 -9.66 -9.70
N MET A 8 -27.55 -8.34 -9.79
CA MET A 8 -27.87 -7.62 -11.02
C MET A 8 -26.66 -6.83 -11.52
N ALA A 9 -26.06 -7.28 -12.61
CA ALA A 9 -24.90 -6.62 -13.18
C ALA A 9 -25.26 -5.94 -14.50
N SER A 10 -24.51 -4.89 -14.85
CA SER A 10 -24.73 -4.16 -16.09
C SER A 10 -24.05 -4.84 -17.26
N GLY A 11 -22.73 -5.00 -17.15
CA GLY A 11 -21.97 -5.64 -18.22
C GLY A 11 -21.24 -6.88 -17.74
N GLN A 12 -20.29 -7.35 -18.54
CA GLN A 12 -19.52 -8.54 -18.20
C GLN A 12 -18.82 -8.37 -16.86
N PHE A 13 -18.39 -9.47 -16.27
CA PHE A 13 -17.70 -9.44 -14.99
C PHE A 13 -16.38 -8.68 -15.09
N VAL A 14 -15.76 -8.42 -13.94
CA VAL A 14 -14.49 -7.70 -13.91
C VAL A 14 -13.54 -8.30 -12.88
N ASN A 15 -12.26 -8.37 -13.22
CA ASN A 15 -11.27 -8.92 -12.32
C ASN A 15 -10.79 -7.87 -11.32
N LYS A 16 -10.13 -8.31 -10.25
CA LYS A 16 -9.63 -7.41 -9.22
C LYS A 16 -8.26 -6.86 -9.62
N LEU A 17 -7.83 -5.82 -8.93
CA LEU A 17 -6.54 -5.19 -9.21
C LEU A 17 -5.41 -5.91 -8.46
N GLN A 18 -4.18 -5.65 -8.87
CA GLN A 18 -3.02 -6.27 -8.24
C GLN A 18 -3.01 -6.01 -6.74
N GLU A 19 -2.06 -6.63 -6.04
CA GLU A 19 -1.94 -6.46 -4.60
C GLU A 19 -1.63 -5.01 -4.24
N GLU A 20 -2.11 -4.57 -3.09
CA GLU A 20 -1.87 -3.20 -2.63
C GLU A 20 -1.23 -3.20 -1.25
N VAL A 21 -0.46 -2.15 -0.96
CA VAL A 21 0.21 -2.02 0.33
C VAL A 21 -0.50 -0.99 1.21
N ILE A 22 -0.16 -0.99 2.49
CA ILE A 22 -0.76 -0.06 3.44
C ILE A 22 0.30 0.79 4.12
N CYS A 23 -0.09 1.97 4.59
CA CYS A 23 0.84 2.87 5.27
C CYS A 23 0.96 2.52 6.75
N PRO A 24 2.15 2.09 7.16
CA PRO A 24 2.44 1.72 8.55
C PRO A 24 2.43 2.92 9.49
N ILE A 25 2.22 4.10 8.92
CA ILE A 25 2.18 5.34 9.70
C ILE A 25 0.76 5.73 10.06
N CYS A 26 -0.02 6.10 9.05
CA CYS A 26 -1.40 6.51 9.25
C CYS A 26 -2.31 5.28 9.32
N LEU A 27 -1.85 4.17 8.73
CA LEU A 27 -2.63 2.94 8.74
C LEU A 27 -3.91 3.11 7.92
N ASP A 28 -3.77 3.65 6.71
CA ASP A 28 -4.90 3.86 5.83
C ASP A 28 -4.54 3.59 4.38
N ILE A 29 -5.54 3.50 3.52
CA ILE A 29 -5.31 3.23 2.10
C ILE A 29 -4.33 4.24 1.50
N LEU A 30 -3.34 3.72 0.79
CA LEU A 30 -2.33 4.57 0.17
C LEU A 30 -2.94 5.39 -0.97
N GLN A 31 -3.20 6.66 -0.70
CA GLN A 31 -3.78 7.55 -1.70
C GLN A 31 -2.84 7.72 -2.89
N LYS A 32 -1.54 7.58 -2.63
CA LYS A 32 -0.54 7.71 -3.68
C LYS A 32 0.69 6.86 -3.38
N PRO A 33 0.79 5.70 -4.04
CA PRO A 33 1.91 4.78 -3.86
C PRO A 33 3.21 5.33 -4.42
N VAL A 34 4.26 5.32 -3.60
CA VAL A 34 5.56 5.83 -4.01
C VAL A 34 6.69 4.93 -3.48
N THR A 35 7.22 4.09 -4.35
CA THR A 35 8.31 3.19 -3.97
C THR A 35 9.56 3.96 -3.61
N ILE A 36 9.90 3.95 -2.32
CA ILE A 36 11.08 4.65 -1.83
C ILE A 36 12.33 3.78 -1.97
N ASP A 37 13.49 4.42 -1.96
CA ASP A 37 14.76 3.72 -2.09
C ASP A 37 14.87 2.62 -1.03
N CYS A 38 14.01 2.69 -0.02
CA CYS A 38 14.02 1.70 1.06
C CYS A 38 13.42 0.37 0.58
N GLY A 39 12.54 0.45 -0.40
CA GLY A 39 11.92 -0.75 -0.94
C GLY A 39 10.41 -0.74 -0.78
N HIS A 40 9.94 -0.44 0.43
CA HIS A 40 8.51 -0.40 0.70
C HIS A 40 7.89 0.89 0.16
N ASN A 41 6.56 0.97 0.21
CA ASN A 41 5.85 2.14 -0.28
C ASN A 41 5.17 2.88 0.87
N PHE A 42 4.76 4.11 0.61
CA PHE A 42 4.11 4.94 1.62
C PHE A 42 3.16 5.94 0.97
N CYS A 43 2.26 6.50 1.78
CA CYS A 43 1.30 7.48 1.28
C CYS A 43 1.91 8.88 1.23
N LEU A 44 1.66 9.58 0.13
CA LEU A 44 2.19 10.92 -0.06
C LEU A 44 1.97 11.77 1.19
N LYS A 45 0.74 11.72 1.71
CA LYS A 45 0.40 12.49 2.91
C LYS A 45 1.43 12.26 4.02
N CYS A 46 2.05 11.09 4.00
CA CYS A 46 3.06 10.74 5.00
C CYS A 46 4.47 11.07 4.50
N ILE A 47 4.75 10.67 3.26
CA ILE A 47 6.05 10.93 2.66
C ILE A 47 6.38 12.41 2.67
N THR A 48 5.36 13.24 2.50
CA THR A 48 5.53 14.69 2.48
C THR A 48 5.96 15.20 3.85
N GLN A 49 5.53 14.52 4.90
CA GLN A 49 5.87 14.91 6.27
C GLN A 49 7.29 14.46 6.61
N ILE A 50 7.62 13.22 6.26
CA ILE A 50 8.94 12.67 6.53
C ILE A 50 9.99 13.29 5.63
N GLY A 51 9.63 13.52 4.37
CA GLY A 51 10.57 14.12 3.43
C GLY A 51 10.87 15.57 3.74
N GLU A 52 9.85 16.30 4.19
CA GLU A 52 10.01 17.71 4.53
C GLU A 52 10.75 17.87 5.85
N THR A 53 11.11 16.74 6.47
CA THR A 53 11.82 16.76 7.73
C THR A 53 13.08 17.62 7.65
N SER A 54 13.49 18.16 8.79
CA SER A 54 14.68 19.00 8.85
C SER A 54 15.78 18.45 7.92
N CYS A 55 16.01 17.15 7.98
CA CYS A 55 17.01 16.51 7.15
C CYS A 55 16.42 16.07 5.82
N GLY A 56 17.30 15.71 4.89
CA GLY A 56 16.85 15.27 3.57
C GLY A 56 16.63 13.78 3.51
N PHE A 57 17.53 13.02 4.12
CA PHE A 57 17.45 11.57 4.12
C PHE A 57 16.10 11.11 4.66
N PHE A 58 15.35 10.39 3.83
CA PHE A 58 14.04 9.89 4.24
C PHE A 58 14.17 8.73 5.21
N LYS A 59 13.26 8.68 6.18
CA LYS A 59 13.27 7.61 7.19
C LYS A 59 12.07 6.68 7.02
N CYS A 60 12.30 5.40 7.24
CA CYS A 60 11.23 4.41 7.11
C CYS A 60 11.06 3.62 8.41
N PRO A 61 9.82 3.56 8.90
CA PRO A 61 9.49 2.84 10.14
C PRO A 61 9.61 1.34 9.99
N LEU A 62 9.27 0.83 8.81
CA LEU A 62 9.35 -0.60 8.53
C LEU A 62 10.80 -1.07 8.49
N CYS A 63 11.65 -0.30 7.81
CA CYS A 63 13.06 -0.64 7.69
C CYS A 63 13.75 -0.56 9.05
ZN ZN B . 0.55 7.52 5.56
ZN ZN C . 11.25 0.62 4.24
N GLY A 1 -21.77 -18.16 7.95
CA GLY A 1 -23.14 -18.55 8.18
C GLY A 1 -23.68 -19.47 7.10
N SER A 2 -23.43 -19.13 5.85
CA SER A 2 -23.89 -19.93 4.73
C SER A 2 -22.72 -20.37 3.85
N SER A 3 -22.98 -21.31 2.95
CA SER A 3 -21.96 -21.83 2.06
C SER A 3 -21.83 -20.95 0.81
N GLY A 4 -20.63 -20.91 0.25
CA GLY A 4 -20.39 -20.10 -0.93
C GLY A 4 -20.41 -18.62 -0.65
N SER A 5 -19.78 -18.23 0.45
CA SER A 5 -19.74 -16.82 0.85
C SER A 5 -18.46 -16.16 0.33
N SER A 6 -17.34 -16.85 0.48
CA SER A 6 -16.05 -16.33 0.04
C SER A 6 -16.18 -15.61 -1.30
N GLY A 7 -16.84 -16.27 -2.25
CA GLY A 7 -17.03 -15.68 -3.56
C GLY A 7 -18.27 -14.81 -3.64
N MET A 8 -18.15 -13.59 -3.11
CA MET A 8 -19.27 -12.65 -3.11
C MET A 8 -19.25 -11.80 -4.38
N ALA A 9 -18.06 -11.45 -4.84
CA ALA A 9 -17.91 -10.64 -6.03
C ALA A 9 -18.64 -11.26 -7.22
N SER A 10 -19.81 -10.71 -7.55
CA SER A 10 -20.61 -11.22 -8.66
C SER A 10 -20.21 -10.55 -9.97
N GLY A 11 -19.07 -9.86 -9.96
CA GLY A 11 -18.61 -9.18 -11.15
C GLY A 11 -18.34 -10.13 -12.29
N GLN A 12 -18.37 -9.62 -13.52
CA GLN A 12 -18.14 -10.43 -14.70
C GLN A 12 -16.70 -10.96 -14.72
N PHE A 13 -15.81 -10.26 -14.01
CA PHE A 13 -14.41 -10.66 -13.94
C PHE A 13 -14.27 -12.06 -13.34
N VAL A 14 -13.22 -12.77 -13.74
CA VAL A 14 -12.97 -14.11 -13.24
C VAL A 14 -11.48 -14.34 -13.01
N ASN A 15 -11.12 -14.61 -11.75
CA ASN A 15 -9.72 -14.85 -11.40
C ASN A 15 -8.88 -13.61 -11.66
N LYS A 16 -9.41 -12.45 -11.28
CA LYS A 16 -8.70 -11.19 -11.48
C LYS A 16 -7.55 -11.05 -10.47
N LEU A 17 -6.48 -10.40 -10.89
CA LEU A 17 -5.32 -10.19 -10.02
C LEU A 17 -5.05 -8.71 -9.81
N GLN A 18 -4.96 -8.30 -8.55
CA GLN A 18 -4.71 -6.91 -8.21
C GLN A 18 -3.70 -6.80 -7.06
N GLU A 19 -3.29 -5.57 -6.76
CA GLU A 19 -2.34 -5.34 -5.69
C GLU A 19 -2.90 -4.37 -4.66
N GLU A 20 -2.65 -4.64 -3.38
CA GLU A 20 -3.14 -3.80 -2.30
C GLU A 20 -2.02 -3.48 -1.31
N VAL A 21 -1.99 -2.24 -0.83
CA VAL A 21 -0.97 -1.81 0.12
C VAL A 21 -1.55 -0.81 1.12
N ILE A 22 -0.82 -0.59 2.21
CA ILE A 22 -1.26 0.33 3.24
C ILE A 22 -0.06 1.05 3.88
N CYS A 23 -0.29 2.30 4.28
CA CYS A 23 0.77 3.09 4.91
C CYS A 23 0.96 2.69 6.37
N PRO A 24 2.17 2.22 6.69
CA PRO A 24 2.51 1.80 8.06
C PRO A 24 2.61 2.96 9.02
N ILE A 25 2.39 4.17 8.51
CA ILE A 25 2.46 5.38 9.33
C ILE A 25 1.06 5.81 9.76
N CYS A 26 0.27 6.27 8.80
CA CYS A 26 -1.09 6.71 9.08
C CYS A 26 -2.05 5.54 9.15
N LEU A 27 -1.64 4.40 8.59
CA LEU A 27 -2.45 3.20 8.60
C LEU A 27 -3.77 3.43 7.87
N ASP A 28 -3.70 4.07 6.71
CA ASP A 28 -4.88 4.37 5.91
C ASP A 28 -4.71 3.88 4.48
N ILE A 29 -5.80 3.85 3.73
CA ILE A 29 -5.76 3.41 2.34
C ILE A 29 -4.77 4.24 1.52
N LEU A 30 -3.62 3.65 1.23
CA LEU A 30 -2.59 4.33 0.45
C LEU A 30 -3.16 4.89 -0.84
N GLN A 31 -3.37 6.20 -0.88
CA GLN A 31 -3.91 6.86 -2.07
C GLN A 31 -2.97 6.71 -3.25
N LYS A 32 -1.67 6.80 -2.97
CA LYS A 32 -0.65 6.68 -4.01
C LYS A 32 0.60 6.02 -3.47
N PRO A 33 0.78 4.72 -3.79
CA PRO A 33 1.94 3.94 -3.35
C PRO A 33 3.23 4.39 -4.05
N VAL A 34 4.13 5.00 -3.26
CA VAL A 34 5.40 5.46 -3.79
C VAL A 34 6.56 4.61 -3.28
N THR A 35 7.07 3.75 -4.15
CA THR A 35 8.18 2.86 -3.78
C THR A 35 9.45 3.67 -3.53
N ILE A 36 9.87 3.72 -2.27
CA ILE A 36 11.07 4.45 -1.90
C ILE A 36 12.31 3.58 -2.02
N ASP A 37 13.48 4.22 -2.07
CA ASP A 37 14.74 3.49 -2.20
C ASP A 37 14.86 2.44 -1.10
N CYS A 38 14.05 2.57 -0.07
CA CYS A 38 14.06 1.63 1.05
C CYS A 38 13.51 0.28 0.64
N GLY A 39 12.60 0.29 -0.33
CA GLY A 39 12.00 -0.95 -0.80
C GLY A 39 10.49 -0.94 -0.70
N HIS A 40 9.98 -0.56 0.47
CA HIS A 40 8.54 -0.51 0.70
C HIS A 40 7.94 0.77 0.12
N ASN A 41 6.62 0.87 0.18
CA ASN A 41 5.92 2.05 -0.34
C ASN A 41 5.25 2.83 0.78
N PHE A 42 4.90 4.08 0.50
CA PHE A 42 4.25 4.93 1.49
C PHE A 42 3.32 5.93 0.81
N CYS A 43 2.48 6.59 1.62
CA CYS A 43 1.53 7.58 1.10
C CYS A 43 2.18 8.95 1.02
N LEU A 44 1.95 9.64 -0.10
CA LEU A 44 2.50 10.97 -0.31
C LEU A 44 2.28 11.85 0.92
N LYS A 45 1.07 11.84 1.45
CA LYS A 45 0.73 12.63 2.63
C LYS A 45 1.75 12.40 3.74
N CYS A 46 2.37 11.22 3.75
CA CYS A 46 3.36 10.89 4.76
C CYS A 46 4.77 11.17 4.25
N ILE A 47 5.06 10.72 3.04
CA ILE A 47 6.37 10.94 2.44
C ILE A 47 6.69 12.42 2.32
N THR A 48 5.67 13.26 2.51
CA THR A 48 5.84 14.70 2.43
C THR A 48 6.10 15.30 3.81
N GLN A 49 5.36 14.83 4.81
CA GLN A 49 5.52 15.33 6.17
C GLN A 49 6.73 14.69 6.84
N ILE A 50 7.10 13.49 6.39
CA ILE A 50 8.24 12.79 6.95
C ILE A 50 9.52 13.59 6.77
N GLY A 51 9.62 14.31 5.66
CA GLY A 51 10.80 15.11 5.40
C GLY A 51 10.48 16.58 5.21
N GLU A 52 9.43 17.04 5.89
CA GLU A 52 9.01 18.44 5.80
C GLU A 52 9.74 19.30 6.83
N THR A 53 10.03 18.71 7.99
CA THR A 53 10.72 19.41 9.06
C THR A 53 12.23 19.18 8.99
N SER A 54 12.61 17.94 8.69
CA SER A 54 14.02 17.58 8.60
C SER A 54 14.46 17.47 7.14
N CYS A 55 15.75 17.66 6.90
CA CYS A 55 16.29 17.57 5.55
C CYS A 55 17.52 16.66 5.52
N GLY A 56 17.62 15.86 4.46
CA GLY A 56 18.75 14.95 4.32
C GLY A 56 18.36 13.64 3.66
N PHE A 57 18.38 12.56 4.44
CA PHE A 57 18.03 11.24 3.93
C PHE A 57 16.72 10.75 4.55
N PHE A 58 15.83 10.23 3.71
CA PHE A 58 14.55 9.72 4.17
C PHE A 58 14.74 8.45 4.99
N LYS A 59 13.92 8.30 6.04
CA LYS A 59 14.00 7.13 6.90
C LYS A 59 12.67 6.36 6.89
N CYS A 60 12.77 5.04 6.91
CA CYS A 60 11.59 4.18 6.89
C CYS A 60 11.46 3.41 8.20
N PRO A 61 10.23 3.33 8.73
CA PRO A 61 9.95 2.62 9.98
C PRO A 61 10.09 1.11 9.83
N LEU A 62 9.61 0.58 8.71
CA LEU A 62 9.68 -0.85 8.44
C LEU A 62 11.13 -1.31 8.34
N CYS A 63 11.93 -0.57 7.59
CA CYS A 63 13.34 -0.90 7.41
C CYS A 63 14.09 -0.79 8.73
ZN ZN B . 0.77 7.73 5.37
ZN ZN C . 11.26 0.42 4.16
N GLY A 1 -37.13 -11.63 -40.46
CA GLY A 1 -36.86 -12.49 -39.32
C GLY A 1 -36.05 -11.81 -38.24
N SER A 2 -36.60 -11.77 -37.04
CA SER A 2 -35.93 -11.13 -35.91
C SER A 2 -35.33 -12.17 -34.97
N SER A 3 -34.11 -11.92 -34.52
CA SER A 3 -33.42 -12.85 -33.61
C SER A 3 -33.21 -12.20 -32.25
N GLY A 4 -33.04 -13.04 -31.23
CA GLY A 4 -32.83 -12.54 -29.89
C GLY A 4 -31.40 -12.76 -29.40
N SER A 5 -31.23 -12.76 -28.08
CA SER A 5 -29.91 -12.94 -27.49
C SER A 5 -29.45 -14.38 -27.64
N SER A 6 -28.26 -14.57 -28.19
CA SER A 6 -27.71 -15.91 -28.38
C SER A 6 -26.20 -15.93 -28.11
N GLY A 7 -25.84 -16.45 -26.94
CA GLY A 7 -24.43 -16.52 -26.58
C GLY A 7 -24.22 -16.33 -25.09
N MET A 8 -24.23 -17.42 -24.34
CA MET A 8 -24.04 -17.36 -22.89
C MET A 8 -22.88 -18.26 -22.46
N ALA A 9 -22.38 -18.05 -21.25
CA ALA A 9 -21.28 -18.84 -20.72
C ALA A 9 -21.55 -19.27 -19.29
N SER A 10 -21.33 -20.54 -19.00
CA SER A 10 -21.55 -21.07 -17.66
C SER A 10 -20.45 -20.61 -16.70
N GLY A 11 -20.77 -19.63 -15.87
CA GLY A 11 -19.81 -19.11 -14.92
C GLY A 11 -20.08 -17.67 -14.54
N GLN A 12 -19.96 -17.36 -13.26
CA GLN A 12 -20.18 -16.01 -12.76
C GLN A 12 -18.95 -15.13 -12.97
N PHE A 13 -19.16 -13.83 -13.00
CA PHE A 13 -18.06 -12.88 -13.19
C PHE A 13 -17.32 -12.64 -11.88
N VAL A 14 -16.04 -12.98 -11.85
CA VAL A 14 -15.23 -12.79 -10.66
C VAL A 14 -14.22 -11.67 -10.86
N ASN A 15 -13.94 -10.94 -9.78
CA ASN A 15 -12.99 -9.83 -9.83
C ASN A 15 -11.57 -10.34 -10.04
N LYS A 16 -10.65 -9.42 -10.28
CA LYS A 16 -9.25 -9.78 -10.51
C LYS A 16 -8.37 -9.31 -9.34
N LEU A 17 -7.14 -9.79 -9.31
CA LEU A 17 -6.20 -9.43 -8.25
C LEU A 17 -5.53 -8.10 -8.56
N GLN A 18 -5.71 -7.12 -7.68
CA GLN A 18 -5.12 -5.81 -7.86
C GLN A 18 -4.10 -5.52 -6.76
N GLU A 19 -3.06 -4.76 -7.10
CA GLU A 19 -2.03 -4.41 -6.13
C GLU A 19 -2.53 -3.34 -5.16
N GLU A 20 -2.41 -3.62 -3.86
CA GLU A 20 -2.84 -2.70 -2.83
C GLU A 20 -1.99 -2.83 -1.57
N VAL A 21 -1.58 -1.70 -1.03
CA VAL A 21 -0.76 -1.69 0.18
C VAL A 21 -1.30 -0.70 1.21
N ILE A 22 -0.67 -0.66 2.38
CA ILE A 22 -1.08 0.23 3.45
C ILE A 22 0.11 0.98 4.04
N CYS A 23 -0.11 2.21 4.48
CA CYS A 23 0.94 3.03 5.06
C CYS A 23 1.19 2.61 6.51
N PRO A 24 2.44 2.20 6.80
CA PRO A 24 2.84 1.77 8.15
C PRO A 24 2.89 2.93 9.13
N ILE A 25 2.61 4.13 8.64
CA ILE A 25 2.63 5.32 9.48
C ILE A 25 1.22 5.68 9.94
N CYS A 26 0.37 6.04 8.99
CA CYS A 26 -1.01 6.41 9.29
C CYS A 26 -1.92 5.18 9.31
N LEU A 27 -1.40 4.08 8.77
CA LEU A 27 -2.16 2.83 8.73
C LEU A 27 -3.43 3.00 7.89
N ASP A 28 -3.31 3.69 6.76
CA ASP A 28 -4.44 3.92 5.87
C ASP A 28 -4.03 3.76 4.42
N ILE A 29 -4.99 3.45 3.57
CA ILE A 29 -4.74 3.28 2.13
C ILE A 29 -4.00 4.48 1.56
N LEU A 30 -2.92 4.22 0.83
CA LEU A 30 -2.13 5.29 0.23
C LEU A 30 -2.53 5.51 -1.23
N GLN A 31 -3.30 6.56 -1.48
CA GLN A 31 -3.76 6.87 -2.83
C GLN A 31 -2.68 6.53 -3.86
N LYS A 32 -1.55 7.23 -3.78
CA LYS A 32 -0.44 6.99 -4.69
C LYS A 32 0.69 6.24 -4.01
N PRO A 33 0.80 4.92 -4.32
CA PRO A 33 1.83 4.07 -3.75
C PRO A 33 3.23 4.40 -4.26
N VAL A 34 3.99 5.13 -3.46
CA VAL A 34 5.34 5.53 -3.83
C VAL A 34 6.38 4.57 -3.25
N THR A 35 6.95 3.73 -4.11
CA THR A 35 7.95 2.76 -3.67
C THR A 35 9.32 3.40 -3.59
N ILE A 36 9.82 3.54 -2.36
CA ILE A 36 11.13 4.13 -2.13
C ILE A 36 12.25 3.12 -2.37
N ASP A 37 13.45 3.62 -2.63
CA ASP A 37 14.60 2.76 -2.87
C ASP A 37 14.79 1.77 -1.73
N CYS A 38 14.13 2.04 -0.61
CA CYS A 38 14.23 1.17 0.57
C CYS A 38 13.52 -0.16 0.31
N GLY A 39 12.53 -0.15 -0.57
CA GLY A 39 11.80 -1.35 -0.89
C GLY A 39 10.33 -1.25 -0.54
N HIS A 40 10.05 -0.77 0.67
CA HIS A 40 8.66 -0.62 1.13
C HIS A 40 8.01 0.59 0.46
N ASN A 41 6.71 0.77 0.71
CA ASN A 41 5.96 1.88 0.15
C ASN A 41 5.33 2.73 1.24
N PHE A 42 4.86 3.92 0.88
CA PHE A 42 4.24 4.82 1.83
C PHE A 42 3.24 5.74 1.13
N CYS A 43 2.46 6.47 1.92
CA CYS A 43 1.46 7.39 1.39
C CYS A 43 2.04 8.78 1.23
N LEU A 44 1.70 9.42 0.11
CA LEU A 44 2.19 10.77 -0.18
C LEU A 44 1.96 11.69 1.02
N LYS A 45 0.78 11.63 1.60
CA LYS A 45 0.44 12.46 2.75
C LYS A 45 1.49 12.32 3.84
N CYS A 46 2.16 11.17 3.87
CA CYS A 46 3.19 10.92 4.86
C CYS A 46 4.58 11.27 4.32
N ILE A 47 4.95 10.64 3.20
CA ILE A 47 6.24 10.90 2.59
C ILE A 47 6.58 12.38 2.62
N THR A 48 5.56 13.22 2.53
CA THR A 48 5.76 14.66 2.55
C THR A 48 6.03 15.16 3.96
N GLN A 49 5.05 15.01 4.84
CA GLN A 49 5.19 15.45 6.22
C GLN A 49 6.58 15.11 6.76
N ILE A 50 7.06 13.93 6.44
CA ILE A 50 8.38 13.49 6.89
C ILE A 50 9.47 14.39 6.33
N GLY A 51 9.50 14.53 5.01
CA GLY A 51 10.50 15.37 4.38
C GLY A 51 10.77 16.65 5.14
N GLU A 52 9.71 17.23 5.72
CA GLU A 52 9.84 18.46 6.49
C GLU A 52 11.17 18.50 7.23
N THR A 53 11.53 17.39 7.86
CA THR A 53 12.78 17.30 8.60
C THR A 53 13.98 17.65 7.72
N SER A 54 15.11 17.91 8.35
CA SER A 54 16.33 18.26 7.62
C SER A 54 17.03 17.02 7.10
N CYS A 55 17.47 16.17 8.02
CA CYS A 55 18.16 14.93 7.66
C CYS A 55 17.25 14.03 6.84
N GLY A 56 17.58 13.87 5.56
CA GLY A 56 16.79 13.02 4.69
C GLY A 56 15.38 13.55 4.49
N PHE A 57 14.91 13.56 3.25
CA PHE A 57 13.57 14.05 2.94
C PHE A 57 12.52 12.99 3.25
N PHE A 58 12.94 11.93 3.92
CA PHE A 58 12.04 10.84 4.29
C PHE A 58 12.64 9.97 5.38
N LYS A 59 11.83 9.08 5.94
CA LYS A 59 12.28 8.18 6.99
C LYS A 59 11.41 6.93 7.05
N CYS A 60 12.04 5.76 6.90
CA CYS A 60 11.32 4.50 6.95
C CYS A 60 11.48 3.83 8.31
N PRO A 61 10.35 3.66 9.02
CA PRO A 61 10.33 3.04 10.35
C PRO A 61 10.64 1.55 10.29
N LEU A 62 10.22 0.90 9.20
CA LEU A 62 10.45 -0.53 9.02
C LEU A 62 11.92 -0.82 8.78
N CYS A 63 12.53 -0.05 7.88
CA CYS A 63 13.94 -0.22 7.56
C CYS A 63 14.82 0.16 8.74
ZN ZN B . 0.82 7.65 5.63
ZN ZN C . 11.73 0.54 4.09
N GLY A 1 -20.61 -39.30 -4.74
CA GLY A 1 -21.14 -38.25 -5.59
C GLY A 1 -20.25 -37.03 -5.64
N SER A 2 -19.58 -36.83 -6.77
CA SER A 2 -18.68 -35.68 -6.94
C SER A 2 -18.89 -35.03 -8.30
N SER A 3 -18.72 -33.70 -8.34
CA SER A 3 -18.90 -32.96 -9.57
C SER A 3 -17.54 -32.48 -10.11
N GLY A 4 -17.06 -33.14 -11.16
CA GLY A 4 -15.78 -32.77 -11.74
C GLY A 4 -15.86 -31.46 -12.52
N SER A 5 -15.99 -31.57 -13.84
CA SER A 5 -16.06 -30.39 -14.69
C SER A 5 -17.18 -30.53 -15.72
N SER A 6 -17.83 -29.42 -16.04
CA SER A 6 -18.92 -29.42 -17.01
C SER A 6 -18.85 -28.20 -17.92
N GLY A 7 -18.75 -28.45 -19.22
CA GLY A 7 -18.67 -27.36 -20.18
C GLY A 7 -17.31 -27.27 -20.84
N MET A 8 -17.12 -26.24 -21.65
CA MET A 8 -15.85 -26.04 -22.34
C MET A 8 -14.94 -25.10 -21.56
N ALA A 9 -13.69 -25.00 -22.00
CA ALA A 9 -12.72 -24.14 -21.34
C ALA A 9 -12.14 -23.11 -22.31
N SER A 10 -11.85 -21.92 -21.80
CA SER A 10 -11.30 -20.84 -22.61
C SER A 10 -10.69 -19.75 -21.75
N GLY A 11 -9.70 -19.04 -22.31
CA GLY A 11 -9.06 -17.97 -21.57
C GLY A 11 -8.94 -16.70 -22.37
N GLN A 12 -9.99 -15.88 -22.32
CA GLN A 12 -10.01 -14.61 -23.06
C GLN A 12 -9.92 -13.43 -22.09
N PHE A 13 -10.32 -13.65 -20.84
CA PHE A 13 -10.29 -12.61 -19.83
C PHE A 13 -9.10 -12.77 -18.90
N VAL A 14 -8.21 -11.79 -18.90
CA VAL A 14 -7.02 -11.83 -18.06
C VAL A 14 -7.30 -11.25 -16.68
N ASN A 15 -6.96 -12.00 -15.64
CA ASN A 15 -7.18 -11.56 -14.27
C ASN A 15 -5.98 -11.90 -13.39
N LYS A 16 -5.57 -10.94 -12.56
CA LYS A 16 -4.44 -11.13 -11.67
C LYS A 16 -4.65 -10.39 -10.35
N LEU A 17 -4.15 -10.98 -9.27
CA LEU A 17 -4.29 -10.37 -7.94
C LEU A 17 -2.92 -10.10 -7.33
N GLN A 18 -2.82 -8.99 -6.61
CA GLN A 18 -1.56 -8.61 -5.97
C GLN A 18 -1.76 -8.37 -4.48
N GLU A 19 -0.66 -8.22 -3.75
CA GLU A 19 -0.72 -7.98 -2.31
C GLU A 19 -1.10 -6.54 -2.02
N GLU A 20 -1.98 -6.35 -1.03
CA GLU A 20 -2.43 -5.01 -0.65
C GLU A 20 -1.29 -4.21 -0.02
N VAL A 21 -1.37 -2.89 -0.14
CA VAL A 21 -0.35 -2.02 0.42
C VAL A 21 -0.97 -0.90 1.25
N ILE A 22 -0.58 -0.83 2.52
CA ILE A 22 -1.11 0.19 3.42
C ILE A 22 0.02 0.95 4.11
N CYS A 23 -0.24 2.20 4.46
CA CYS A 23 0.74 3.03 5.13
C CYS A 23 0.87 2.66 6.60
N PRO A 24 2.09 2.24 7.00
CA PRO A 24 2.37 1.84 8.38
C PRO A 24 2.37 3.03 9.33
N ILE A 25 2.12 4.21 8.80
CA ILE A 25 2.08 5.43 9.60
C ILE A 25 0.65 5.81 9.96
N CYS A 26 -0.17 6.06 8.94
CA CYS A 26 -1.56 6.44 9.15
C CYS A 26 -2.46 5.21 9.09
N LEU A 27 -1.97 4.15 8.45
CA LEU A 27 -2.73 2.92 8.32
C LEU A 27 -3.99 3.13 7.49
N ASP A 28 -3.82 3.78 6.34
CA ASP A 28 -4.94 4.05 5.45
C ASP A 28 -4.57 3.74 4.00
N ILE A 29 -5.58 3.64 3.14
CA ILE A 29 -5.36 3.34 1.73
C ILE A 29 -4.39 4.34 1.11
N LEU A 30 -3.25 3.84 0.65
CA LEU A 30 -2.23 4.69 0.02
C LEU A 30 -2.85 5.50 -1.12
N GLN A 31 -3.11 6.77 -0.86
CA GLN A 31 -3.69 7.66 -1.87
C GLN A 31 -2.73 7.85 -3.04
N LYS A 32 -1.44 7.68 -2.77
CA LYS A 32 -0.42 7.83 -3.80
C LYS A 32 0.82 7.02 -3.45
N PRO A 33 0.98 5.86 -4.12
CA PRO A 33 2.12 4.96 -3.89
C PRO A 33 3.42 5.55 -4.43
N VAL A 34 4.42 5.63 -3.57
CA VAL A 34 5.73 6.16 -3.96
C VAL A 34 6.87 5.32 -3.38
N THR A 35 7.47 4.50 -4.23
CA THR A 35 8.57 3.64 -3.80
C THR A 35 9.80 4.47 -3.43
N ILE A 36 10.20 4.39 -2.16
CA ILE A 36 11.36 5.13 -1.68
C ILE A 36 12.63 4.29 -1.78
N ASP A 37 13.77 4.96 -1.79
CA ASP A 37 15.05 4.28 -1.88
C ASP A 37 15.17 3.19 -0.83
N CYS A 38 14.29 3.23 0.17
CA CYS A 38 14.30 2.25 1.24
C CYS A 38 13.79 0.91 0.73
N GLY A 39 12.87 0.95 -0.23
CA GLY A 39 12.32 -0.28 -0.79
C GLY A 39 10.81 -0.32 -0.70
N HIS A 40 10.28 -0.06 0.50
CA HIS A 40 8.84 -0.07 0.71
C HIS A 40 8.19 1.21 0.18
N ASN A 41 6.88 1.26 0.23
CA ASN A 41 6.13 2.43 -0.26
C ASN A 41 5.45 3.15 0.90
N PHE A 42 4.95 4.35 0.62
CA PHE A 42 4.26 5.14 1.64
C PHE A 42 3.27 6.12 0.99
N CYS A 43 2.38 6.66 1.80
CA CYS A 43 1.38 7.61 1.32
C CYS A 43 1.96 9.02 1.28
N LEU A 44 1.72 9.72 0.17
CA LEU A 44 2.20 11.09 0.01
C LEU A 44 1.90 11.92 1.26
N LYS A 45 0.67 11.83 1.75
CA LYS A 45 0.27 12.57 2.93
C LYS A 45 1.27 12.39 4.06
N CYS A 46 1.95 11.25 4.07
CA CYS A 46 2.94 10.95 5.10
C CYS A 46 4.35 11.32 4.61
N ILE A 47 4.62 11.04 3.34
CA ILE A 47 5.92 11.34 2.76
C ILE A 47 6.15 12.84 2.69
N THR A 48 5.07 13.60 2.66
CA THR A 48 5.16 15.06 2.59
C THR A 48 5.53 15.65 3.95
N GLN A 49 5.08 15.01 5.02
CA GLN A 49 5.37 15.47 6.37
C GLN A 49 6.72 14.96 6.84
N ILE A 50 7.10 13.78 6.38
CA ILE A 50 8.38 13.19 6.76
C ILE A 50 9.54 13.83 5.99
N GLY A 51 9.29 14.14 4.71
CA GLY A 51 10.32 14.76 3.90
C GLY A 51 10.65 16.16 4.35
N GLU A 52 9.62 16.92 4.73
CA GLU A 52 9.81 18.29 5.18
C GLU A 52 10.59 18.33 6.50
N THR A 53 10.38 17.32 7.33
CA THR A 53 11.06 17.23 8.62
C THR A 53 12.51 16.79 8.44
N SER A 54 12.74 15.86 7.52
CA SER A 54 14.08 15.36 7.26
C SER A 54 14.32 15.18 5.77
N CYS A 55 15.05 16.11 5.17
CA CYS A 55 15.35 16.06 3.75
C CYS A 55 16.58 15.20 3.49
N GLY A 56 17.65 15.45 4.23
CA GLY A 56 18.87 14.70 4.06
C GLY A 56 18.62 13.24 3.74
N PHE A 57 17.95 12.55 4.65
CA PHE A 57 17.64 11.14 4.46
C PHE A 57 16.26 10.81 5.02
N PHE A 58 15.52 9.96 4.30
CA PHE A 58 14.19 9.56 4.72
C PHE A 58 14.23 8.29 5.57
N LYS A 59 13.73 8.39 6.79
CA LYS A 59 13.71 7.25 7.70
C LYS A 59 12.47 6.40 7.49
N CYS A 60 12.65 5.08 7.49
CA CYS A 60 11.55 4.15 7.29
C CYS A 60 11.39 3.24 8.50
N PRO A 61 10.15 3.14 9.01
CA PRO A 61 9.83 2.30 10.17
C PRO A 61 9.91 0.82 9.85
N LEU A 62 9.54 0.47 8.62
CA LEU A 62 9.57 -0.92 8.19
C LEU A 62 11.00 -1.43 8.06
N CYS A 63 11.87 -0.59 7.49
CA CYS A 63 13.27 -0.95 7.31
C CYS A 63 13.96 -1.18 8.66
ZN ZN B . 0.54 7.66 5.65
ZN ZN C . 11.55 0.74 4.09
N GLY A 1 21.20 -11.20 5.32
CA GLY A 1 20.16 -12.20 5.15
C GLY A 1 20.55 -13.55 5.73
N SER A 2 19.68 -14.10 6.57
CA SER A 2 19.93 -15.39 7.20
C SER A 2 19.42 -16.53 6.32
N SER A 3 18.17 -16.41 5.88
CA SER A 3 17.56 -17.43 5.04
C SER A 3 16.53 -16.81 4.10
N GLY A 4 16.74 -16.96 2.79
CA GLY A 4 15.82 -16.41 1.82
C GLY A 4 14.89 -17.46 1.25
N SER A 5 14.21 -17.12 0.15
CA SER A 5 13.27 -18.04 -0.48
C SER A 5 13.78 -18.47 -1.86
N SER A 6 13.63 -19.74 -2.18
CA SER A 6 14.07 -20.27 -3.46
C SER A 6 12.89 -20.78 -4.27
N GLY A 7 13.08 -20.91 -5.59
CA GLY A 7 12.03 -21.38 -6.46
C GLY A 7 12.04 -20.71 -7.81
N MET A 8 12.38 -21.47 -8.85
CA MET A 8 12.43 -20.94 -10.20
C MET A 8 11.41 -21.64 -11.10
N ALA A 9 10.80 -20.87 -12.00
CA ALA A 9 9.82 -21.42 -12.92
C ALA A 9 9.98 -20.84 -14.32
N SER A 10 9.56 -21.59 -15.33
CA SER A 10 9.66 -21.15 -16.71
C SER A 10 8.62 -20.09 -17.02
N GLY A 11 8.73 -19.49 -18.21
CA GLY A 11 7.78 -18.46 -18.61
C GLY A 11 8.46 -17.20 -19.08
N GLN A 12 9.50 -16.77 -18.37
CA GLN A 12 10.24 -15.58 -18.73
C GLN A 12 9.36 -14.34 -18.59
N PHE A 13 8.59 -14.28 -17.51
CA PHE A 13 7.70 -13.14 -17.26
C PHE A 13 7.94 -12.56 -15.87
N VAL A 14 7.38 -11.38 -15.63
CA VAL A 14 7.53 -10.71 -14.34
C VAL A 14 7.05 -11.60 -13.21
N ASN A 15 5.96 -12.32 -13.44
CA ASN A 15 5.40 -13.21 -12.43
C ASN A 15 5.11 -12.46 -11.14
N LYS A 16 4.46 -11.31 -11.27
CA LYS A 16 4.11 -10.50 -10.11
C LYS A 16 2.60 -10.47 -9.89
N LEU A 17 2.19 -10.57 -8.63
CA LEU A 17 0.78 -10.56 -8.27
C LEU A 17 0.40 -9.26 -7.57
N GLN A 18 -0.79 -8.76 -7.86
CA GLN A 18 -1.26 -7.52 -7.24
C GLN A 18 -1.24 -7.63 -5.72
N GLU A 19 -0.31 -6.91 -5.09
CA GLU A 19 -0.18 -6.92 -3.64
C GLU A 19 -0.62 -5.58 -3.04
N GLU A 20 -1.57 -5.65 -2.12
CA GLU A 20 -2.09 -4.44 -1.47
C GLU A 20 -1.02 -3.82 -0.57
N VAL A 21 -0.89 -2.50 -0.66
CA VAL A 21 0.09 -1.78 0.14
C VAL A 21 -0.60 -0.77 1.07
N ILE A 22 -0.19 -0.78 2.33
CA ILE A 22 -0.76 0.12 3.33
C ILE A 22 0.33 0.92 4.04
N CYS A 23 -0.03 2.09 4.55
CA CYS A 23 0.91 2.95 5.25
C CYS A 23 0.99 2.57 6.73
N PRO A 24 2.17 2.11 7.17
CA PRO A 24 2.40 1.71 8.56
C PRO A 24 2.39 2.90 9.51
N ILE A 25 2.19 4.10 8.97
CA ILE A 25 2.16 5.30 9.77
C ILE A 25 0.72 5.70 10.12
N CYS A 26 -0.06 6.00 9.09
CA CYS A 26 -1.45 6.40 9.28
C CYS A 26 -2.36 5.17 9.28
N LEU A 27 -1.85 4.07 8.74
CA LEU A 27 -2.63 2.83 8.67
C LEU A 27 -3.89 3.02 7.84
N ASP A 28 -3.74 3.62 6.67
CA ASP A 28 -4.88 3.86 5.78
C ASP A 28 -4.51 3.55 4.34
N ILE A 29 -5.52 3.46 3.48
CA ILE A 29 -5.30 3.18 2.07
C ILE A 29 -4.38 4.19 1.43
N LEU A 30 -3.46 3.72 0.60
CA LEU A 30 -2.50 4.59 -0.08
C LEU A 30 -3.10 5.17 -1.35
N GLN A 31 -3.49 6.44 -1.29
CA GLN A 31 -4.09 7.11 -2.44
C GLN A 31 -3.09 7.20 -3.59
N LYS A 32 -1.80 7.13 -3.25
CA LYS A 32 -0.75 7.22 -4.25
C LYS A 32 0.54 6.57 -3.74
N PRO A 33 0.81 5.34 -4.20
CA PRO A 33 2.00 4.58 -3.80
C PRO A 33 3.28 5.19 -4.38
N VAL A 34 4.29 5.36 -3.51
CA VAL A 34 5.57 5.93 -3.94
C VAL A 34 6.73 5.07 -3.46
N THR A 35 7.29 4.28 -4.39
CA THR A 35 8.40 3.41 -4.06
C THR A 35 9.64 4.21 -3.69
N ILE A 36 9.99 4.20 -2.41
CA ILE A 36 11.15 4.93 -1.93
C ILE A 36 12.43 4.10 -2.11
N ASP A 37 13.57 4.78 -2.11
CA ASP A 37 14.86 4.12 -2.26
C ASP A 37 15.01 3.00 -1.24
N CYS A 38 14.19 3.04 -0.20
CA CYS A 38 14.25 2.02 0.85
C CYS A 38 13.66 0.70 0.35
N GLY A 39 12.75 0.78 -0.60
CA GLY A 39 12.14 -0.42 -1.15
C GLY A 39 10.64 -0.46 -0.92
N HIS A 40 10.22 -0.23 0.32
CA HIS A 40 8.81 -0.24 0.66
C HIS A 40 8.10 1.00 0.12
N ASN A 41 6.78 1.01 0.21
CA ASN A 41 5.99 2.14 -0.28
C ASN A 41 5.36 2.90 0.89
N PHE A 42 4.93 4.12 0.61
CA PHE A 42 4.31 4.97 1.64
C PHE A 42 3.37 5.98 1.01
N CYS A 43 2.51 6.57 1.84
CA CYS A 43 1.55 7.57 1.37
C CYS A 43 2.17 8.97 1.37
N LEU A 44 1.98 9.69 0.28
CA LEU A 44 2.52 11.04 0.15
C LEU A 44 2.23 11.86 1.40
N LYS A 45 0.98 11.80 1.86
CA LYS A 45 0.57 12.54 3.05
C LYS A 45 1.55 12.31 4.20
N CYS A 46 2.20 11.14 4.20
CA CYS A 46 3.16 10.81 5.24
C CYS A 46 4.58 11.12 4.79
N ILE A 47 4.91 10.71 3.56
CA ILE A 47 6.24 10.95 3.01
C ILE A 47 6.58 12.44 3.05
N THR A 48 5.66 13.26 2.56
CA THR A 48 5.87 14.71 2.54
C THR A 48 5.94 15.28 3.95
N GLN A 49 4.81 15.26 4.65
CA GLN A 49 4.75 15.77 6.01
C GLN A 49 6.01 15.43 6.79
N ILE A 50 6.63 14.30 6.44
CA ILE A 50 7.84 13.86 7.10
C ILE A 50 9.08 14.42 6.40
N GLY A 51 9.04 14.44 5.07
CA GLY A 51 10.16 14.95 4.30
C GLY A 51 10.54 16.36 4.71
N GLU A 52 9.55 17.15 5.11
CA GLU A 52 9.79 18.53 5.53
C GLU A 52 11.15 18.67 6.21
N THR A 53 11.55 17.61 6.92
CA THR A 53 12.82 17.61 7.63
C THR A 53 13.98 17.89 6.69
N SER A 54 15.00 18.59 7.17
CA SER A 54 16.16 18.91 6.36
C SER A 54 17.00 17.67 6.08
N CYS A 55 17.15 16.82 7.09
CA CYS A 55 17.91 15.58 6.94
C CYS A 55 17.77 15.02 5.52
N GLY A 56 16.56 15.08 4.98
CA GLY A 56 16.31 14.57 3.65
C GLY A 56 15.96 13.10 3.65
N PHE A 57 16.81 12.29 4.26
CA PHE A 57 16.60 10.85 4.33
C PHE A 57 15.24 10.54 4.95
N PHE A 58 14.37 9.91 4.18
CA PHE A 58 13.04 9.55 4.65
C PHE A 58 13.11 8.34 5.58
N LYS A 59 12.86 8.57 6.87
CA LYS A 59 12.89 7.51 7.86
C LYS A 59 11.79 6.49 7.59
N CYS A 60 12.16 5.21 7.56
CA CYS A 60 11.21 4.15 7.31
C CYS A 60 11.08 3.23 8.52
N PRO A 61 9.86 3.12 9.07
CA PRO A 61 9.59 2.28 10.24
C PRO A 61 9.69 0.79 9.92
N LEU A 62 9.32 0.43 8.71
CA LEU A 62 9.36 -0.97 8.27
C LEU A 62 10.80 -1.44 8.12
N CYS A 63 11.64 -0.60 7.53
CA CYS A 63 13.04 -0.93 7.32
C CYS A 63 13.71 -1.31 8.64
ZN ZN B . 0.64 7.57 5.72
ZN ZN C . 11.56 0.76 4.02
N GLY A 1 -26.75 16.33 6.86
CA GLY A 1 -26.33 16.14 5.50
C GLY A 1 -25.36 14.98 5.34
N SER A 2 -24.54 15.03 4.30
CA SER A 2 -23.56 13.97 4.04
C SER A 2 -24.27 12.62 3.91
N SER A 3 -25.39 12.62 3.22
CA SER A 3 -26.16 11.39 3.03
C SER A 3 -25.40 10.40 2.14
N GLY A 4 -25.26 9.17 2.62
CA GLY A 4 -24.55 8.16 1.85
C GLY A 4 -23.66 7.30 2.72
N SER A 5 -22.61 7.91 3.28
CA SER A 5 -21.68 7.20 4.13
C SER A 5 -22.40 6.21 5.04
N SER A 6 -23.27 6.74 5.90
CA SER A 6 -24.02 5.90 6.82
C SER A 6 -25.06 5.07 6.07
N GLY A 7 -25.65 4.11 6.78
CA GLY A 7 -26.65 3.25 6.18
C GLY A 7 -26.03 2.09 5.41
N MET A 8 -26.88 1.17 4.96
CA MET A 8 -26.41 0.00 4.22
C MET A 8 -27.07 -0.06 2.84
N ALA A 9 -26.24 -0.09 1.80
CA ALA A 9 -26.74 -0.15 0.43
C ALA A 9 -27.16 -1.57 0.07
N SER A 10 -28.26 -1.68 -0.68
CA SER A 10 -28.77 -2.98 -1.10
C SER A 10 -27.85 -3.63 -2.12
N GLY A 11 -27.67 -2.97 -3.26
CA GLY A 11 -26.81 -3.50 -4.30
C GLY A 11 -25.34 -3.46 -3.92
N GLN A 12 -24.94 -4.36 -3.03
CA GLN A 12 -23.56 -4.43 -2.58
C GLN A 12 -23.16 -5.85 -2.23
N PHE A 13 -21.92 -6.21 -2.55
CA PHE A 13 -21.43 -7.56 -2.28
C PHE A 13 -19.91 -7.54 -2.05
N VAL A 14 -19.40 -8.62 -1.46
CA VAL A 14 -17.97 -8.72 -1.19
C VAL A 14 -17.23 -9.37 -2.35
N ASN A 15 -16.22 -8.68 -2.88
CA ASN A 15 -15.44 -9.19 -3.99
C ASN A 15 -13.95 -9.06 -3.71
N LYS A 16 -13.15 -9.79 -4.47
CA LYS A 16 -11.69 -9.75 -4.31
C LYS A 16 -11.05 -8.84 -5.35
N LEU A 17 -10.32 -7.83 -4.88
CA LEU A 17 -9.66 -6.89 -5.77
C LEU A 17 -8.15 -7.11 -5.77
N GLN A 18 -7.46 -6.44 -6.69
CA GLN A 18 -6.01 -6.56 -6.79
C GLN A 18 -5.34 -6.27 -5.44
N GLU A 19 -4.24 -6.97 -5.17
CA GLU A 19 -3.51 -6.79 -3.92
C GLU A 19 -3.10 -5.34 -3.75
N GLU A 20 -3.26 -4.82 -2.53
CA GLU A 20 -2.91 -3.44 -2.23
C GLU A 20 -2.03 -3.37 -0.98
N VAL A 21 -1.52 -2.17 -0.70
CA VAL A 21 -0.67 -1.96 0.47
C VAL A 21 -1.23 -0.87 1.37
N ILE A 22 -0.74 -0.82 2.61
CA ILE A 22 -1.19 0.17 3.57
C ILE A 22 -0.01 0.92 4.18
N CYS A 23 -0.26 2.14 4.64
CA CYS A 23 0.77 2.96 5.25
C CYS A 23 0.94 2.62 6.73
N PRO A 24 2.14 2.14 7.10
CA PRO A 24 2.46 1.77 8.48
C PRO A 24 2.54 2.98 9.40
N ILE A 25 2.33 4.17 8.85
CA ILE A 25 2.39 5.39 9.62
C ILE A 25 0.98 5.85 10.02
N CYS A 26 0.14 6.11 9.02
CA CYS A 26 -1.22 6.54 9.27
C CYS A 26 -2.18 5.36 9.26
N LEU A 27 -1.76 4.26 8.64
CA LEU A 27 -2.59 3.07 8.56
C LEU A 27 -3.85 3.32 7.74
N ASP A 28 -3.68 3.99 6.61
CA ASP A 28 -4.81 4.30 5.73
C ASP A 28 -4.50 3.90 4.29
N ILE A 29 -5.54 3.82 3.48
CA ILE A 29 -5.39 3.45 2.07
C ILE A 29 -4.41 4.37 1.36
N LEU A 30 -3.31 3.81 0.88
CA LEU A 30 -2.29 4.58 0.18
C LEU A 30 -2.90 5.36 -0.98
N GLN A 31 -3.12 6.66 -0.78
CA GLN A 31 -3.69 7.51 -1.80
C GLN A 31 -2.75 7.63 -3.00
N LYS A 32 -1.47 7.37 -2.77
CA LYS A 32 -0.47 7.45 -3.82
C LYS A 32 0.74 6.59 -3.49
N PRO A 33 0.83 5.40 -4.12
CA PRO A 33 1.94 4.47 -3.90
C PRO A 33 3.25 4.98 -4.49
N VAL A 34 4.29 5.02 -3.65
CA VAL A 34 5.60 5.50 -4.09
C VAL A 34 6.70 4.61 -3.53
N THR A 35 7.24 3.73 -4.37
CA THR A 35 8.30 2.82 -3.96
C THR A 35 9.61 3.58 -3.74
N ILE A 36 10.11 3.55 -2.50
CA ILE A 36 11.35 4.23 -2.17
C ILE A 36 12.55 3.30 -2.31
N ASP A 37 13.73 3.87 -2.45
CA ASP A 37 14.95 3.09 -2.59
C ASP A 37 15.07 2.06 -1.48
N CYS A 38 14.29 2.25 -0.41
CA CYS A 38 14.30 1.33 0.72
C CYS A 38 13.69 -0.01 0.35
N GLY A 39 12.72 0.02 -0.56
CA GLY A 39 12.05 -1.20 -1.00
C GLY A 39 10.55 -1.14 -0.82
N HIS A 40 10.11 -0.75 0.38
CA HIS A 40 8.68 -0.65 0.68
C HIS A 40 8.10 0.63 0.10
N ASN A 41 6.80 0.80 0.27
CA ASN A 41 6.11 1.99 -0.24
C ASN A 41 5.47 2.76 0.91
N PHE A 42 4.97 3.96 0.60
CA PHE A 42 4.33 4.81 1.60
C PHE A 42 3.37 5.79 0.93
N CYS A 43 2.50 6.39 1.75
CA CYS A 43 1.53 7.36 1.24
C CYS A 43 2.15 8.74 1.15
N LEU A 44 1.90 9.43 0.04
CA LEU A 44 2.43 10.76 -0.18
C LEU A 44 2.22 11.64 1.05
N LYS A 45 0.99 11.63 1.59
CA LYS A 45 0.67 12.41 2.77
C LYS A 45 1.69 12.21 3.87
N CYS A 46 2.30 11.02 3.88
CA CYS A 46 3.32 10.70 4.89
C CYS A 46 4.71 10.97 4.35
N ILE A 47 4.89 10.80 3.04
CA ILE A 47 6.18 11.03 2.40
C ILE A 47 6.48 12.51 2.29
N THR A 48 5.44 13.34 2.43
CA THR A 48 5.60 14.79 2.36
C THR A 48 5.93 15.39 3.71
N GLN A 49 5.28 14.89 4.75
CA GLN A 49 5.51 15.38 6.10
C GLN A 49 6.88 14.94 6.61
N ILE A 50 7.24 13.69 6.33
CA ILE A 50 8.53 13.15 6.76
C ILE A 50 9.68 13.97 6.20
N GLY A 51 9.50 14.50 5.00
CA GLY A 51 10.53 15.30 4.36
C GLY A 51 10.58 16.71 4.91
N GLU A 52 9.41 17.28 5.21
CA GLU A 52 9.34 18.63 5.75
C GLU A 52 10.53 18.93 6.66
N THR A 53 10.88 17.96 7.51
CA THR A 53 11.99 18.12 8.43
C THR A 53 13.26 18.52 7.69
N SER A 54 14.00 19.48 8.26
CA SER A 54 15.23 19.96 7.65
C SER A 54 15.97 18.82 6.97
N CYS A 55 16.37 17.82 7.74
CA CYS A 55 17.10 16.67 7.20
C CYS A 55 16.34 16.06 6.03
N GLY A 56 16.94 16.13 4.85
CA GLY A 56 16.31 15.57 3.67
C GLY A 56 16.49 14.07 3.56
N PHE A 57 16.37 13.38 4.69
CA PHE A 57 16.53 11.93 4.72
C PHE A 57 15.24 11.25 5.18
N PHE A 58 14.68 10.41 4.31
CA PHE A 58 13.46 9.69 4.62
C PHE A 58 13.75 8.41 5.39
N LYS A 59 13.21 8.31 6.60
CA LYS A 59 13.41 7.14 7.43
C LYS A 59 12.26 6.15 7.28
N CYS A 60 12.59 4.87 7.17
CA CYS A 60 11.58 3.83 7.01
C CYS A 60 11.47 2.98 8.27
N PRO A 61 10.26 2.92 8.85
CA PRO A 61 10.00 2.15 10.07
C PRO A 61 10.07 0.65 9.83
N LEU A 62 9.68 0.22 8.63
CA LEU A 62 9.69 -1.19 8.28
C LEU A 62 11.13 -1.70 8.12
N CYS A 63 11.95 -0.91 7.44
CA CYS A 63 13.34 -1.27 7.21
C CYS A 63 14.07 -1.47 8.54
ZN ZN B . 0.71 7.61 5.58
ZN ZN C . 11.63 0.25 3.88
N GLY A 1 -46.68 -25.77 -17.40
CA GLY A 1 -45.86 -24.79 -18.08
C GLY A 1 -45.31 -23.74 -17.13
N SER A 2 -44.48 -22.85 -17.66
CA SER A 2 -43.87 -21.79 -16.86
C SER A 2 -43.18 -22.37 -15.62
N SER A 3 -42.52 -23.51 -15.81
CA SER A 3 -41.82 -24.17 -14.71
C SER A 3 -40.40 -24.54 -15.12
N GLY A 4 -39.43 -24.10 -14.32
CA GLY A 4 -38.03 -24.39 -14.61
C GLY A 4 -37.15 -23.17 -14.47
N SER A 5 -36.38 -23.12 -13.39
CA SER A 5 -35.49 -21.99 -13.13
C SER A 5 -34.50 -21.81 -14.28
N SER A 6 -34.60 -20.68 -14.96
CA SER A 6 -33.72 -20.38 -16.08
C SER A 6 -32.81 -19.20 -15.77
N GLY A 7 -31.81 -18.99 -16.62
CA GLY A 7 -30.89 -17.88 -16.42
C GLY A 7 -29.48 -18.23 -16.86
N MET A 8 -28.71 -17.20 -17.22
CA MET A 8 -27.33 -17.40 -17.66
C MET A 8 -26.35 -17.15 -16.52
N ALA A 9 -25.77 -18.24 -16.01
CA ALA A 9 -24.81 -18.15 -14.91
C ALA A 9 -23.50 -18.85 -15.27
N SER A 10 -22.41 -18.10 -15.24
CA SER A 10 -21.09 -18.65 -15.56
C SER A 10 -19.99 -17.92 -14.80
N GLY A 11 -19.06 -18.68 -14.23
CA GLY A 11 -17.97 -18.09 -13.49
C GLY A 11 -17.06 -17.26 -14.36
N GLN A 12 -17.03 -15.95 -14.10
CA GLN A 12 -16.18 -15.05 -14.88
C GLN A 12 -15.80 -13.82 -14.06
N PHE A 13 -14.50 -13.61 -13.89
CA PHE A 13 -14.01 -12.47 -13.12
C PHE A 13 -12.61 -12.07 -13.58
N VAL A 14 -12.37 -10.76 -13.64
CA VAL A 14 -11.08 -10.24 -14.07
C VAL A 14 -10.25 -9.78 -12.88
N ASN A 15 -9.01 -10.26 -12.82
CA ASN A 15 -8.10 -9.90 -11.73
C ASN A 15 -7.96 -8.39 -11.62
N LYS A 16 -7.39 -7.94 -10.51
CA LYS A 16 -7.17 -6.51 -10.28
C LYS A 16 -5.90 -6.03 -10.95
N LEU A 17 -5.89 -4.78 -11.38
CA LEU A 17 -4.72 -4.20 -12.04
C LEU A 17 -3.96 -3.28 -11.08
N GLN A 18 -4.41 -3.22 -9.84
CA GLN A 18 -3.78 -2.39 -8.83
C GLN A 18 -3.43 -3.21 -7.59
N GLU A 19 -2.16 -3.16 -7.20
CA GLU A 19 -1.69 -3.89 -6.02
C GLU A 19 -2.22 -3.25 -4.74
N GLU A 20 -2.26 -4.05 -3.67
CA GLU A 20 -2.75 -3.56 -2.38
C GLU A 20 -1.57 -3.18 -1.48
N VAL A 21 -1.69 -2.03 -0.83
CA VAL A 21 -0.65 -1.54 0.07
C VAL A 21 -1.21 -0.53 1.06
N ILE A 22 -0.62 -0.50 2.26
CA ILE A 22 -1.05 0.42 3.29
C ILE A 22 0.13 1.10 3.96
N CYS A 23 -0.10 2.28 4.53
CA CYS A 23 0.95 3.03 5.21
C CYS A 23 1.06 2.63 6.67
N PRO A 24 2.22 2.10 7.06
CA PRO A 24 2.48 1.66 8.43
C PRO A 24 2.58 2.82 9.40
N ILE A 25 2.45 4.04 8.87
CA ILE A 25 2.52 5.24 9.70
C ILE A 25 1.14 5.75 10.06
N CYS A 26 0.39 6.18 9.06
CA CYS A 26 -0.96 6.69 9.28
C CYS A 26 -1.98 5.55 9.29
N LEU A 27 -1.62 4.44 8.65
CA LEU A 27 -2.50 3.28 8.59
C LEU A 27 -3.75 3.59 7.78
N ASP A 28 -3.57 4.20 6.62
CA ASP A 28 -4.69 4.55 5.74
C ASP A 28 -4.36 4.22 4.29
N ILE A 29 -5.39 4.21 3.46
CA ILE A 29 -5.21 3.91 2.03
C ILE A 29 -4.15 4.82 1.41
N LEU A 30 -3.31 4.24 0.57
CA LEU A 30 -2.25 5.01 -0.09
C LEU A 30 -2.78 5.66 -1.36
N GLN A 31 -3.05 6.96 -1.28
CA GLN A 31 -3.55 7.71 -2.43
C GLN A 31 -2.54 7.71 -3.56
N LYS A 32 -1.28 7.50 -3.23
CA LYS A 32 -0.21 7.47 -4.22
C LYS A 32 1.00 6.70 -3.71
N PRO A 33 1.15 5.46 -4.18
CA PRO A 33 2.27 4.58 -3.79
C PRO A 33 3.60 5.07 -4.34
N VAL A 34 4.59 5.18 -3.46
CA VAL A 34 5.92 5.62 -3.86
C VAL A 34 7.00 4.69 -3.34
N THR A 35 7.51 3.83 -4.22
CA THR A 35 8.55 2.88 -3.85
C THR A 35 9.87 3.59 -3.57
N ILE A 36 10.30 3.56 -2.32
CA ILE A 36 11.55 4.20 -1.93
C ILE A 36 12.73 3.23 -2.09
N ASP A 37 13.93 3.79 -2.18
CA ASP A 37 15.14 2.99 -2.34
C ASP A 37 15.22 1.92 -1.25
N CYS A 38 14.43 2.10 -0.20
CA CYS A 38 14.40 1.15 0.92
C CYS A 38 13.72 -0.15 0.52
N GLY A 39 12.76 -0.05 -0.40
CA GLY A 39 12.04 -1.23 -0.85
C GLY A 39 10.56 -1.13 -0.60
N HIS A 40 10.19 -0.79 0.63
CA HIS A 40 8.78 -0.67 1.01
C HIS A 40 8.18 0.62 0.44
N ASN A 41 6.85 0.72 0.49
CA ASN A 41 6.16 1.89 -0.03
C ASN A 41 5.60 2.73 1.12
N PHE A 42 5.19 3.96 0.80
CA PHE A 42 4.63 4.87 1.80
C PHE A 42 3.76 5.93 1.15
N CYS A 43 2.86 6.51 1.93
CA CYS A 43 1.96 7.55 1.43
C CYS A 43 2.66 8.90 1.38
N LEU A 44 2.48 9.62 0.28
CA LEU A 44 3.09 10.93 0.12
C LEU A 44 2.89 11.80 1.36
N LYS A 45 1.66 11.82 1.86
CA LYS A 45 1.33 12.60 3.04
C LYS A 45 2.32 12.32 4.17
N CYS A 46 2.88 11.12 4.16
CA CYS A 46 3.84 10.73 5.19
C CYS A 46 5.27 10.98 4.72
N ILE A 47 5.61 10.45 3.55
CA ILE A 47 6.95 10.62 2.99
C ILE A 47 7.41 12.07 3.11
N THR A 48 6.49 13.00 2.88
CA THR A 48 6.80 14.42 2.97
C THR A 48 6.76 14.91 4.42
N GLN A 49 5.55 14.93 4.98
CA GLN A 49 5.38 15.38 6.36
C GLN A 49 6.52 14.90 7.24
N ILE A 50 6.97 13.66 7.02
CA ILE A 50 8.05 13.08 7.79
C ILE A 50 9.41 13.54 7.26
N GLY A 51 9.57 13.47 5.94
CA GLY A 51 10.81 13.87 5.32
C GLY A 51 10.83 15.34 4.94
N GLU A 52 10.22 16.18 5.79
CA GLU A 52 10.15 17.61 5.54
C GLU A 52 10.90 18.37 6.63
N THR A 53 10.80 17.90 7.87
CA THR A 53 11.45 18.54 9.00
C THR A 53 12.97 18.49 8.85
N SER A 54 13.52 17.28 8.84
CA SER A 54 14.96 17.09 8.72
C SER A 54 15.42 17.42 7.30
N CYS A 55 15.01 16.59 6.35
CA CYS A 55 15.38 16.78 4.95
C CYS A 55 14.55 15.89 4.03
N GLY A 56 14.54 16.22 2.74
CA GLY A 56 13.77 15.44 1.79
C GLY A 56 13.79 13.96 2.09
N PHE A 57 14.95 13.45 2.51
CA PHE A 57 15.10 12.05 2.83
C PHE A 57 14.03 11.60 3.82
N PHE A 58 13.20 10.66 3.40
CA PHE A 58 12.13 10.14 4.25
C PHE A 58 12.53 8.83 4.91
N LYS A 59 12.55 8.83 6.23
CA LYS A 59 12.93 7.63 6.99
C LYS A 59 11.90 6.53 6.81
N CYS A 60 12.26 5.32 7.21
CA CYS A 60 11.36 4.17 7.10
C CYS A 60 11.27 3.41 8.41
N PRO A 61 10.06 3.32 8.96
CA PRO A 61 9.82 2.61 10.23
C PRO A 61 9.98 1.10 10.10
N LEU A 62 9.61 0.57 8.93
CA LEU A 62 9.72 -0.85 8.68
C LEU A 62 11.19 -1.29 8.59
N CYS A 63 12.00 -0.47 7.95
CA CYS A 63 13.42 -0.75 7.79
C CYS A 63 14.14 -0.65 9.13
ZN ZN B . 1.14 7.66 5.69
ZN ZN C . 11.68 0.34 4.21
N GLY A 1 -17.68 -4.36 17.05
CA GLY A 1 -17.78 -3.44 15.92
C GLY A 1 -16.88 -3.85 14.77
N SER A 2 -16.14 -2.89 14.22
CA SER A 2 -15.24 -3.16 13.11
C SER A 2 -14.59 -4.53 13.25
N SER A 3 -13.96 -4.76 14.39
CA SER A 3 -13.29 -6.03 14.65
C SER A 3 -14.29 -7.18 14.68
N GLY A 4 -13.78 -8.40 14.55
CA GLY A 4 -14.65 -9.57 14.56
C GLY A 4 -14.42 -10.48 13.37
N SER A 5 -15.50 -10.88 12.72
CA SER A 5 -15.40 -11.77 11.56
C SER A 5 -15.10 -10.97 10.29
N SER A 6 -14.33 -11.56 9.39
CA SER A 6 -13.97 -10.91 8.14
C SER A 6 -13.60 -11.94 7.08
N GLY A 7 -13.85 -11.60 5.82
CA GLY A 7 -13.52 -12.51 4.73
C GLY A 7 -14.43 -13.72 4.69
N MET A 8 -15.73 -13.47 4.58
CA MET A 8 -16.72 -14.55 4.54
C MET A 8 -17.23 -14.75 3.13
N ALA A 9 -17.41 -13.66 2.40
CA ALA A 9 -17.91 -13.72 1.02
C ALA A 9 -17.18 -14.80 0.24
N SER A 10 -15.85 -14.80 0.30
CA SER A 10 -15.04 -15.78 -0.42
C SER A 10 -15.46 -17.20 -0.04
N GLY A 11 -15.68 -18.03 -1.06
CA GLY A 11 -16.08 -19.40 -0.82
C GLY A 11 -14.90 -20.29 -0.47
N GLN A 12 -14.98 -21.56 -0.88
CA GLN A 12 -13.92 -22.51 -0.61
C GLN A 12 -13.00 -22.67 -1.82
N PHE A 13 -13.51 -22.29 -2.99
CA PHE A 13 -12.73 -22.38 -4.22
C PHE A 13 -11.84 -21.16 -4.40
N VAL A 14 -10.56 -21.39 -4.67
CA VAL A 14 -9.61 -20.31 -4.87
C VAL A 14 -10.11 -19.31 -5.90
N ASN A 15 -10.02 -18.03 -5.56
CA ASN A 15 -10.47 -16.98 -6.46
C ASN A 15 -9.35 -15.96 -6.72
N LYS A 16 -9.55 -15.10 -7.71
CA LYS A 16 -8.56 -14.08 -8.05
C LYS A 16 -8.33 -13.14 -6.87
N LEU A 17 -7.08 -13.07 -6.41
CA LEU A 17 -6.73 -12.20 -5.29
C LEU A 17 -6.14 -10.89 -5.78
N GLN A 18 -6.28 -9.84 -4.98
CA GLN A 18 -5.74 -8.53 -5.34
C GLN A 18 -4.76 -8.04 -4.30
N GLU A 19 -3.66 -7.43 -4.75
CA GLU A 19 -2.64 -6.92 -3.85
C GLU A 19 -2.92 -5.47 -3.47
N GLU A 20 -2.72 -5.15 -2.20
CA GLU A 20 -2.96 -3.80 -1.71
C GLU A 20 -1.92 -3.40 -0.66
N VAL A 21 -1.42 -2.18 -0.75
CA VAL A 21 -0.42 -1.69 0.19
C VAL A 21 -1.03 -0.69 1.17
N ILE A 22 -0.55 -0.71 2.40
CA ILE A 22 -1.05 0.19 3.43
C ILE A 22 0.09 0.95 4.11
N CYS A 23 -0.22 2.13 4.64
CA CYS A 23 0.78 2.95 5.32
C CYS A 23 0.89 2.57 6.79
N PRO A 24 2.07 2.09 7.20
CA PRO A 24 2.34 1.69 8.58
C PRO A 24 2.38 2.87 9.53
N ILE A 25 2.21 4.08 8.98
CA ILE A 25 2.23 5.29 9.79
C ILE A 25 0.82 5.75 10.13
N CYS A 26 0.07 6.17 9.12
CA CYS A 26 -1.29 6.63 9.32
C CYS A 26 -2.27 5.45 9.35
N LEU A 27 -1.82 4.31 8.83
CA LEU A 27 -2.65 3.11 8.80
C LEU A 27 -3.92 3.33 7.97
N ASP A 28 -3.73 3.89 6.77
CA ASP A 28 -4.86 4.16 5.89
C ASP A 28 -4.52 3.76 4.45
N ILE A 29 -5.54 3.64 3.62
CA ILE A 29 -5.35 3.26 2.22
C ILE A 29 -4.40 4.24 1.52
N LEU A 30 -3.50 3.69 0.70
CA LEU A 30 -2.55 4.51 -0.04
C LEU A 30 -3.15 5.03 -1.32
N GLN A 31 -3.55 6.30 -1.31
CA GLN A 31 -4.14 6.93 -2.49
C GLN A 31 -3.15 6.98 -3.64
N LYS A 32 -1.87 7.01 -3.31
CA LYS A 32 -0.81 7.06 -4.31
C LYS A 32 0.47 6.43 -3.79
N PRO A 33 0.74 5.19 -4.22
CA PRO A 33 1.94 4.45 -3.81
C PRO A 33 3.21 5.03 -4.40
N VAL A 34 4.21 5.25 -3.55
CA VAL A 34 5.48 5.81 -3.99
C VAL A 34 6.65 4.96 -3.51
N THR A 35 7.20 4.15 -4.40
CA THR A 35 8.32 3.28 -4.07
C THR A 35 9.56 4.10 -3.71
N ILE A 36 9.93 4.08 -2.44
CA ILE A 36 11.10 4.82 -1.97
C ILE A 36 12.37 4.00 -2.14
N ASP A 37 13.51 4.68 -2.15
CA ASP A 37 14.81 4.01 -2.31
C ASP A 37 14.97 2.91 -1.27
N CYS A 38 14.14 2.95 -0.23
CA CYS A 38 14.20 1.95 0.83
C CYS A 38 13.62 0.62 0.36
N GLY A 39 12.70 0.69 -0.59
CA GLY A 39 12.07 -0.52 -1.11
C GLY A 39 10.58 -0.56 -0.86
N HIS A 40 10.19 -0.32 0.39
CA HIS A 40 8.78 -0.33 0.77
C HIS A 40 8.06 0.90 0.21
N ASN A 41 6.72 0.88 0.28
CA ASN A 41 5.92 1.99 -0.21
C ASN A 41 5.36 2.81 0.95
N PHE A 42 4.92 4.03 0.64
CA PHE A 42 4.36 4.91 1.65
C PHE A 42 3.46 5.96 1.02
N CYS A 43 2.57 6.53 1.82
CA CYS A 43 1.64 7.55 1.34
C CYS A 43 2.31 8.93 1.32
N LEU A 44 2.14 9.65 0.22
CA LEU A 44 2.72 10.98 0.09
C LEU A 44 2.50 11.81 1.34
N LYS A 45 1.27 11.81 1.83
CA LYS A 45 0.92 12.57 3.02
C LYS A 45 1.90 12.29 4.15
N CYS A 46 2.47 11.09 4.15
CA CYS A 46 3.44 10.69 5.17
C CYS A 46 4.86 10.93 4.69
N ILE A 47 5.12 10.64 3.42
CA ILE A 47 6.44 10.82 2.83
C ILE A 47 6.84 12.29 2.85
N THR A 48 6.01 13.13 2.28
CA THR A 48 6.29 14.57 2.23
C THR A 48 6.65 15.10 3.60
N GLN A 49 5.74 14.97 4.56
CA GLN A 49 5.98 15.43 5.91
C GLN A 49 7.39 15.10 6.38
N ILE A 50 7.76 13.82 6.23
CA ILE A 50 9.08 13.37 6.63
C ILE A 50 10.18 14.11 5.86
N GLY A 51 9.92 14.39 4.59
CA GLY A 51 10.87 15.10 3.77
C GLY A 51 11.12 16.52 4.25
N GLU A 52 10.05 17.18 4.69
CA GLU A 52 10.15 18.56 5.17
C GLU A 52 10.72 18.59 6.57
N THR A 53 10.24 17.69 7.43
CA THR A 53 10.71 17.62 8.81
C THR A 53 12.21 17.39 8.88
N SER A 54 12.68 16.44 8.08
CA SER A 54 14.11 16.11 8.05
C SER A 54 14.84 16.96 7.01
N CYS A 55 14.35 16.92 5.78
CA CYS A 55 14.96 17.69 4.69
C CYS A 55 16.40 17.24 4.45
N GLY A 56 16.63 15.93 4.49
CA GLY A 56 17.96 15.40 4.28
C GLY A 56 17.96 13.90 4.07
N PHE A 57 17.49 13.16 5.07
CA PHE A 57 17.44 11.71 4.99
C PHE A 57 16.07 11.19 5.42
N PHE A 58 15.49 10.33 4.58
CA PHE A 58 14.18 9.75 4.88
C PHE A 58 14.30 8.57 5.82
N LYS A 59 13.31 8.40 6.69
CA LYS A 59 13.30 7.31 7.65
C LYS A 59 12.12 6.37 7.39
N CYS A 60 12.38 5.07 7.43
CA CYS A 60 11.35 4.07 7.21
C CYS A 60 11.19 3.17 8.43
N PRO A 61 9.94 3.06 8.93
CA PRO A 61 9.64 2.24 10.09
C PRO A 61 9.74 0.75 9.79
N LEU A 62 9.37 0.36 8.57
CA LEU A 62 9.43 -1.04 8.17
C LEU A 62 10.87 -1.51 8.05
N CYS A 63 11.72 -0.67 7.45
CA CYS A 63 13.12 -1.00 7.27
C CYS A 63 13.78 -1.32 8.61
ZN ZN B . 0.76 7.58 5.66
ZN ZN C . 11.58 0.66 3.99
N GLY A 1 -22.58 -37.70 14.78
CA GLY A 1 -22.37 -37.49 16.21
C GLY A 1 -21.04 -36.84 16.51
N SER A 2 -19.97 -37.49 16.07
CA SER A 2 -18.61 -36.98 16.30
C SER A 2 -18.48 -35.56 15.78
N SER A 3 -17.44 -34.86 16.25
CA SER A 3 -17.20 -33.49 15.83
C SER A 3 -15.87 -33.38 15.08
N GLY A 4 -15.82 -32.47 14.11
CA GLY A 4 -14.62 -32.28 13.32
C GLY A 4 -14.09 -30.87 13.42
N SER A 5 -12.90 -30.65 12.88
CA SER A 5 -12.27 -29.33 12.91
C SER A 5 -12.49 -28.59 11.59
N SER A 6 -12.19 -27.30 11.59
CA SER A 6 -12.36 -26.47 10.40
C SER A 6 -11.01 -25.96 9.90
N GLY A 7 -10.75 -26.15 8.61
CA GLY A 7 -9.50 -25.70 8.02
C GLY A 7 -9.40 -26.02 6.55
N MET A 8 -10.49 -25.82 5.82
CA MET A 8 -10.52 -26.10 4.39
C MET A 8 -10.40 -24.80 3.59
N ALA A 9 -10.01 -24.94 2.32
CA ALA A 9 -9.86 -23.78 1.44
C ALA A 9 -11.14 -23.48 0.68
N SER A 10 -11.58 -22.23 0.74
CA SER A 10 -12.80 -21.82 0.07
C SER A 10 -12.66 -21.95 -1.45
N GLY A 11 -11.68 -21.26 -2.01
CA GLY A 11 -11.45 -21.31 -3.44
C GLY A 11 -11.38 -19.94 -4.07
N GLN A 12 -10.28 -19.68 -4.79
CA GLN A 12 -10.09 -18.39 -5.44
C GLN A 12 -9.48 -18.57 -6.83
N PHE A 13 -9.70 -17.59 -7.69
CA PHE A 13 -9.17 -17.63 -9.06
C PHE A 13 -7.75 -17.11 -9.11
N VAL A 14 -6.83 -17.96 -9.58
CA VAL A 14 -5.43 -17.58 -9.68
C VAL A 14 -5.18 -16.72 -10.91
N ASN A 15 -6.03 -16.88 -11.92
CA ASN A 15 -5.90 -16.11 -13.16
C ASN A 15 -5.80 -14.62 -12.87
N LYS A 16 -6.24 -14.23 -11.67
CA LYS A 16 -6.21 -12.83 -11.27
C LYS A 16 -5.97 -12.70 -9.77
N LEU A 17 -4.96 -11.92 -9.39
CA LEU A 17 -4.63 -11.72 -7.99
C LEU A 17 -3.96 -10.36 -7.77
N GLN A 18 -4.30 -9.71 -6.66
CA GLN A 18 -3.73 -8.41 -6.35
C GLN A 18 -3.27 -8.36 -4.89
N GLU A 19 -2.23 -7.57 -4.63
CA GLU A 19 -1.69 -7.44 -3.28
C GLU A 19 -2.20 -6.17 -2.62
N GLU A 20 -2.15 -6.14 -1.29
CA GLU A 20 -2.62 -4.98 -0.53
C GLU A 20 -1.44 -4.17 0.00
N VAL A 21 -1.63 -2.86 0.11
CA VAL A 21 -0.58 -1.97 0.60
C VAL A 21 -1.15 -0.88 1.49
N ILE A 22 -0.51 -0.67 2.64
CA ILE A 22 -0.97 0.35 3.58
C ILE A 22 0.22 1.11 4.17
N CYS A 23 -0.04 2.33 4.63
CA CYS A 23 1.00 3.16 5.21
C CYS A 23 1.19 2.83 6.70
N PRO A 24 2.37 2.31 7.05
CA PRO A 24 2.71 1.94 8.42
C PRO A 24 2.86 3.17 9.33
N ILE A 25 2.68 4.34 8.75
CA ILE A 25 2.80 5.59 9.51
C ILE A 25 1.43 6.10 9.94
N CYS A 26 0.59 6.44 8.96
CA CYS A 26 -0.75 6.93 9.25
C CYS A 26 -1.75 5.79 9.35
N LEU A 27 -1.39 4.64 8.76
CA LEU A 27 -2.26 3.47 8.79
C LEU A 27 -3.57 3.73 8.05
N ASP A 28 -3.45 4.29 6.85
CA ASP A 28 -4.62 4.59 6.04
C ASP A 28 -4.39 4.19 4.58
N ILE A 29 -5.45 4.21 3.79
CA ILE A 29 -5.37 3.85 2.38
C ILE A 29 -4.39 4.75 1.64
N LEU A 30 -3.50 4.14 0.87
CA LEU A 30 -2.51 4.90 0.10
C LEU A 30 -3.14 5.53 -1.13
N GLN A 31 -3.41 6.83 -1.05
CA GLN A 31 -4.02 7.55 -2.16
C GLN A 31 -3.09 7.59 -3.36
N LYS A 32 -1.80 7.37 -3.11
CA LYS A 32 -0.79 7.38 -4.17
C LYS A 32 0.45 6.59 -3.76
N PRO A 33 0.57 5.36 -4.26
CA PRO A 33 1.70 4.48 -3.96
C PRO A 33 2.99 4.97 -4.60
N VAL A 34 4.06 5.02 -3.79
CA VAL A 34 5.36 5.47 -4.28
C VAL A 34 6.48 4.59 -3.74
N THR A 35 6.99 3.71 -4.60
CA THR A 35 8.06 2.80 -4.20
C THR A 35 9.36 3.57 -3.94
N ILE A 36 9.81 3.57 -2.70
CA ILE A 36 11.04 4.25 -2.32
C ILE A 36 12.25 3.34 -2.49
N ASP A 37 13.43 3.96 -2.61
CA ASP A 37 14.66 3.21 -2.77
C ASP A 37 14.81 2.15 -1.67
N CYS A 38 14.04 2.31 -0.60
CA CYS A 38 14.08 1.38 0.52
C CYS A 38 13.44 0.05 0.14
N GLY A 39 12.47 0.10 -0.76
CA GLY A 39 11.79 -1.10 -1.19
C GLY A 39 10.30 -1.04 -0.96
N HIS A 40 9.90 -0.68 0.25
CA HIS A 40 8.48 -0.57 0.60
C HIS A 40 7.87 0.71 0.04
N ASN A 41 6.55 0.81 0.11
CA ASN A 41 5.85 1.99 -0.39
C ASN A 41 5.29 2.83 0.76
N PHE A 42 4.85 4.03 0.45
CA PHE A 42 4.28 4.92 1.46
C PHE A 42 3.33 5.93 0.82
N CYS A 43 2.50 6.55 1.65
CA CYS A 43 1.54 7.54 1.17
C CYS A 43 2.19 8.91 1.02
N LEU A 44 1.87 9.60 -0.06
CA LEU A 44 2.42 10.92 -0.33
C LEU A 44 2.32 11.81 0.90
N LYS A 45 1.13 11.84 1.51
CA LYS A 45 0.91 12.65 2.70
C LYS A 45 1.99 12.41 3.74
N CYS A 46 2.59 11.22 3.71
CA CYS A 46 3.65 10.86 4.64
C CYS A 46 5.02 11.14 4.04
N ILE A 47 5.24 10.65 2.82
CA ILE A 47 6.51 10.84 2.13
C ILE A 47 6.88 12.31 2.07
N THR A 48 5.87 13.16 1.88
CA THR A 48 6.10 14.61 1.81
C THR A 48 6.23 15.21 3.19
N GLN A 49 5.13 15.22 3.94
CA GLN A 49 5.12 15.78 5.29
C GLN A 49 6.39 15.41 6.04
N ILE A 50 6.74 14.12 6.00
CA ILE A 50 7.93 13.64 6.68
C ILE A 50 9.19 14.25 6.08
N GLY A 51 9.21 14.37 4.75
CA GLY A 51 10.36 14.93 4.07
C GLY A 51 10.72 16.31 4.59
N GLU A 52 9.70 17.10 4.93
CA GLU A 52 9.92 18.45 5.45
C GLU A 52 10.41 18.41 6.89
N THR A 53 9.56 17.96 7.79
CA THR A 53 9.91 17.87 9.21
C THR A 53 11.30 17.26 9.39
N SER A 54 11.60 16.24 8.59
CA SER A 54 12.89 15.57 8.67
C SER A 54 13.94 16.32 7.84
N CYS A 55 15.12 16.51 8.43
CA CYS A 55 16.20 17.20 7.74
C CYS A 55 17.28 16.22 7.29
N GLY A 56 17.68 16.33 6.03
CA GLY A 56 18.71 15.44 5.50
C GLY A 56 18.13 14.39 4.56
N PHE A 57 17.86 13.21 5.10
CA PHE A 57 17.31 12.12 4.30
C PHE A 57 16.04 11.56 4.95
N PHE A 58 15.28 10.77 4.19
CA PHE A 58 14.06 10.16 4.69
C PHE A 58 14.30 8.73 5.14
N LYS A 59 13.93 8.44 6.39
CA LYS A 59 14.10 7.11 6.95
C LYS A 59 12.80 6.31 6.86
N CYS A 60 12.92 4.98 6.88
CA CYS A 60 11.76 4.11 6.81
C CYS A 60 11.60 3.30 8.10
N PRO A 61 10.39 3.26 8.63
CA PRO A 61 10.08 2.52 9.86
C PRO A 61 10.14 1.01 9.67
N LEU A 62 9.70 0.55 8.50
CA LEU A 62 9.71 -0.87 8.19
C LEU A 62 11.14 -1.39 8.04
N CYS A 63 11.98 -0.60 7.38
CA CYS A 63 13.37 -0.97 7.17
C CYS A 63 14.14 -1.00 8.49
ZN ZN B . 1.02 7.82 5.42
ZN ZN C . 11.44 0.48 3.88
N GLY A 1 -37.56 -35.30 -5.36
CA GLY A 1 -38.88 -34.98 -5.85
C GLY A 1 -39.29 -33.55 -5.53
N SER A 2 -39.33 -33.22 -4.25
CA SER A 2 -39.71 -31.88 -3.81
C SER A 2 -38.47 -31.02 -3.56
N SER A 3 -37.39 -31.66 -3.11
CA SER A 3 -36.14 -30.95 -2.83
C SER A 3 -35.02 -31.46 -3.72
N GLY A 4 -34.45 -30.57 -4.52
CA GLY A 4 -33.37 -30.94 -5.41
C GLY A 4 -32.79 -29.75 -6.16
N SER A 5 -32.19 -28.84 -5.41
CA SER A 5 -31.59 -27.64 -6.01
C SER A 5 -30.07 -27.78 -6.10
N SER A 6 -29.53 -27.46 -7.27
CA SER A 6 -28.09 -27.55 -7.49
C SER A 6 -27.40 -26.25 -7.09
N GLY A 7 -27.96 -25.12 -7.52
CA GLY A 7 -27.39 -23.83 -7.20
C GLY A 7 -26.31 -23.42 -8.19
N MET A 8 -25.29 -22.73 -7.69
CA MET A 8 -24.19 -22.27 -8.54
C MET A 8 -22.84 -22.54 -7.86
N ALA A 9 -21.79 -22.58 -8.67
CA ALA A 9 -20.44 -22.82 -8.15
C ALA A 9 -19.61 -21.55 -8.19
N SER A 10 -18.75 -21.38 -7.20
CA SER A 10 -17.89 -20.20 -7.12
C SER A 10 -16.44 -20.60 -6.86
N GLY A 11 -15.56 -20.17 -7.76
CA GLY A 11 -14.14 -20.49 -7.62
C GLY A 11 -13.30 -19.85 -8.71
N GLN A 12 -13.41 -18.54 -8.85
CA GLN A 12 -12.65 -17.81 -9.86
C GLN A 12 -11.80 -16.73 -9.21
N PHE A 13 -10.56 -16.59 -9.71
CA PHE A 13 -9.64 -15.59 -9.18
C PHE A 13 -8.72 -15.07 -10.27
N VAL A 14 -8.74 -13.75 -10.48
CA VAL A 14 -7.91 -13.12 -11.50
C VAL A 14 -6.43 -13.24 -11.16
N ASN A 15 -5.64 -13.76 -12.08
CA ASN A 15 -4.21 -13.92 -11.87
C ASN A 15 -3.52 -12.57 -11.75
N LYS A 16 -4.23 -11.51 -12.12
CA LYS A 16 -3.69 -10.16 -12.04
C LYS A 16 -3.83 -9.60 -10.63
N LEU A 17 -4.04 -10.48 -9.67
CA LEU A 17 -4.19 -10.07 -8.27
C LEU A 17 -2.94 -9.33 -7.79
N GLN A 18 -3.15 -8.20 -7.12
CA GLN A 18 -2.05 -7.40 -6.60
C GLN A 18 -2.04 -7.41 -5.07
N GLU A 19 -0.83 -7.34 -4.51
CA GLU A 19 -0.68 -7.34 -3.06
C GLU A 19 -1.12 -6.02 -2.46
N GLU A 20 -1.94 -6.09 -1.41
CA GLU A 20 -2.43 -4.90 -0.73
C GLU A 20 -1.29 -4.10 -0.11
N VAL A 21 -1.40 -2.78 -0.14
CA VAL A 21 -0.38 -1.91 0.43
C VAL A 21 -1.01 -0.81 1.28
N ILE A 22 -0.66 -0.81 2.57
CA ILE A 22 -1.18 0.20 3.49
C ILE A 22 -0.05 0.96 4.18
N CYS A 23 -0.32 2.21 4.54
CA CYS A 23 0.67 3.04 5.21
C CYS A 23 0.82 2.64 6.67
N PRO A 24 2.01 2.13 7.02
CA PRO A 24 2.31 1.71 8.40
C PRO A 24 2.41 2.88 9.36
N ILE A 25 2.36 4.09 8.82
CA ILE A 25 2.44 5.30 9.64
C ILE A 25 1.05 5.76 10.08
N CYS A 26 0.24 6.17 9.12
CA CYS A 26 -1.12 6.62 9.41
C CYS A 26 -2.09 5.45 9.47
N LEU A 27 -1.62 4.27 9.08
CA LEU A 27 -2.45 3.07 9.09
C LEU A 27 -3.67 3.25 8.20
N ASP A 28 -3.44 3.73 6.98
CA ASP A 28 -4.53 3.95 6.03
C ASP A 28 -4.07 3.63 4.61
N ILE A 29 -5.03 3.39 3.72
CA ILE A 29 -4.74 3.08 2.33
C ILE A 29 -4.12 4.28 1.62
N LEU A 30 -2.97 4.06 0.99
CA LEU A 30 -2.27 5.12 0.27
C LEU A 30 -2.71 5.17 -1.19
N GLN A 31 -3.59 6.14 -1.51
CA GLN A 31 -4.09 6.29 -2.87
C GLN A 31 -2.97 6.07 -3.88
N LYS A 32 -1.90 6.85 -3.76
CA LYS A 32 -0.76 6.73 -4.67
C LYS A 32 0.44 6.16 -3.95
N PRO A 33 0.71 4.86 -4.19
CA PRO A 33 1.86 4.17 -3.57
C PRO A 33 3.19 4.64 -4.13
N VAL A 34 3.87 5.49 -3.37
CA VAL A 34 5.17 6.02 -3.79
C VAL A 34 6.30 5.08 -3.38
N THR A 35 6.86 4.37 -4.36
CA THR A 35 7.94 3.43 -4.09
C THR A 35 9.25 4.18 -3.84
N ILE A 36 9.75 4.11 -2.61
CA ILE A 36 10.99 4.78 -2.25
C ILE A 36 12.19 3.89 -2.52
N ASP A 37 13.37 4.49 -2.61
CA ASP A 37 14.60 3.75 -2.87
C ASP A 37 14.78 2.63 -1.85
N CYS A 38 14.06 2.72 -0.73
CA CYS A 38 14.14 1.71 0.31
C CYS A 38 13.47 0.41 -0.13
N GLY A 39 12.53 0.52 -1.06
CA GLY A 39 11.84 -0.65 -1.56
C GLY A 39 10.35 -0.60 -1.28
N HIS A 40 10.00 -0.32 -0.04
CA HIS A 40 8.59 -0.24 0.36
C HIS A 40 7.94 1.04 -0.18
N ASN A 41 6.64 1.17 0.05
CA ASN A 41 5.91 2.35 -0.40
C ASN A 41 5.25 3.08 0.76
N PHE A 42 4.74 4.27 0.50
CA PHE A 42 4.09 5.07 1.54
C PHE A 42 3.12 6.07 0.91
N CYS A 43 2.29 6.69 1.75
CA CYS A 43 1.31 7.67 1.29
C CYS A 43 1.93 9.06 1.22
N LEU A 44 1.64 9.77 0.14
CA LEU A 44 2.17 11.11 -0.06
C LEU A 44 1.97 11.96 1.19
N LYS A 45 0.78 11.88 1.77
CA LYS A 45 0.45 12.64 2.96
C LYS A 45 1.49 12.41 4.05
N CYS A 46 2.14 11.25 4.01
CA CYS A 46 3.17 10.91 4.99
C CYS A 46 4.56 11.27 4.47
N ILE A 47 4.80 10.99 3.20
CA ILE A 47 6.09 11.28 2.58
C ILE A 47 6.31 12.78 2.47
N THR A 48 5.22 13.54 2.48
CA THR A 48 5.31 15.00 2.38
C THR A 48 5.72 15.62 3.71
N GLN A 49 5.22 15.06 4.80
CA GLN A 49 5.56 15.55 6.13
C GLN A 49 6.88 14.98 6.61
N ILE A 50 7.18 13.75 6.19
CA ILE A 50 8.41 13.09 6.58
C ILE A 50 9.60 13.60 5.76
N GLY A 51 9.36 13.81 4.47
CA GLY A 51 10.41 14.29 3.59
C GLY A 51 10.76 15.75 3.86
N GLU A 52 9.75 16.56 4.14
CA GLU A 52 9.96 17.98 4.40
C GLU A 52 11.19 18.19 5.27
N THR A 53 11.42 17.27 6.21
CA THR A 53 12.56 17.36 7.10
C THR A 53 13.87 17.44 6.32
N SER A 54 14.64 18.50 6.57
CA SER A 54 15.91 18.70 5.89
C SER A 54 17.06 18.07 6.67
N CYS A 55 17.02 18.25 7.99
CA CYS A 55 18.06 17.70 8.86
C CYS A 55 18.57 16.36 8.32
N GLY A 56 17.63 15.49 7.96
CA GLY A 56 18.00 14.19 7.44
C GLY A 56 17.18 13.80 6.22
N PHE A 57 16.88 12.51 6.10
CA PHE A 57 16.10 12.01 4.97
C PHE A 57 14.88 11.23 5.45
N PHE A 58 14.03 10.84 4.50
CA PHE A 58 12.83 10.09 4.83
C PHE A 58 13.18 8.79 5.56
N LYS A 59 12.70 8.67 6.79
CA LYS A 59 12.96 7.48 7.60
C LYS A 59 11.84 6.45 7.42
N CYS A 60 12.24 5.21 7.17
CA CYS A 60 11.28 4.13 6.97
C CYS A 60 11.21 3.22 8.20
N PRO A 61 10.02 3.09 8.78
CA PRO A 61 9.79 2.27 9.96
C PRO A 61 9.92 0.77 9.67
N LEU A 62 9.54 0.39 8.45
CA LEU A 62 9.61 -1.02 8.04
C LEU A 62 11.06 -1.46 7.87
N CYS A 63 11.87 -0.60 7.24
CA CYS A 63 13.27 -0.90 7.02
C CYS A 63 14.03 -0.99 8.34
ZN ZN B . 0.60 7.68 5.58
ZN ZN C . 11.42 0.64 3.71
N GLY A 1 -19.90 -27.39 -2.43
CA GLY A 1 -19.01 -26.77 -3.39
C GLY A 1 -17.63 -27.40 -3.38
N SER A 2 -17.56 -28.69 -3.67
CA SER A 2 -16.29 -29.41 -3.68
C SER A 2 -15.62 -29.31 -5.06
N SER A 3 -14.30 -29.38 -5.07
CA SER A 3 -13.54 -29.29 -6.31
C SER A 3 -13.99 -30.37 -7.30
N GLY A 4 -14.16 -29.98 -8.56
CA GLY A 4 -14.58 -30.91 -9.58
C GLY A 4 -13.45 -31.30 -10.51
N SER A 5 -13.80 -31.90 -11.65
CA SER A 5 -12.81 -32.33 -12.62
C SER A 5 -12.28 -31.14 -13.43
N SER A 6 -13.12 -30.12 -13.57
CA SER A 6 -12.75 -28.92 -14.32
C SER A 6 -13.47 -27.70 -13.78
N GLY A 7 -12.86 -26.53 -13.92
CA GLY A 7 -13.46 -25.30 -13.46
C GLY A 7 -13.99 -25.42 -12.04
N MET A 8 -15.01 -24.64 -11.73
CA MET A 8 -15.62 -24.66 -10.40
C MET A 8 -14.56 -24.46 -9.32
N ALA A 9 -13.63 -23.54 -9.57
CA ALA A 9 -12.56 -23.26 -8.62
C ALA A 9 -11.77 -24.52 -8.29
N SER A 10 -11.54 -25.35 -9.31
CA SER A 10 -10.79 -26.58 -9.13
C SER A 10 -9.29 -26.31 -9.06
N GLY A 11 -8.79 -25.53 -10.02
CA GLY A 11 -7.38 -25.19 -10.06
C GLY A 11 -7.04 -23.98 -9.21
N GLN A 12 -5.85 -23.44 -9.42
CA GLN A 12 -5.40 -22.27 -8.66
C GLN A 12 -5.63 -21.00 -9.46
N PHE A 13 -6.57 -20.17 -9.00
CA PHE A 13 -6.88 -18.92 -9.68
C PHE A 13 -6.82 -17.75 -8.70
N VAL A 14 -6.73 -16.54 -9.23
CA VAL A 14 -6.65 -15.34 -8.41
C VAL A 14 -7.82 -14.40 -8.71
N ASN A 15 -8.36 -13.78 -7.65
CA ASN A 15 -9.47 -12.86 -7.81
C ASN A 15 -8.98 -11.43 -8.02
N LYS A 16 -7.87 -11.10 -7.39
CA LYS A 16 -7.28 -9.77 -7.51
C LYS A 16 -6.10 -9.78 -8.48
N LEU A 17 -6.14 -8.88 -9.46
CA LEU A 17 -5.08 -8.78 -10.46
C LEU A 17 -4.02 -7.76 -10.03
N GLN A 18 -4.35 -6.98 -9.00
CA GLN A 18 -3.44 -5.96 -8.50
C GLN A 18 -3.06 -6.23 -7.05
N GLU A 19 -2.12 -5.45 -6.52
CA GLU A 19 -1.67 -5.61 -5.15
C GLU A 19 -2.06 -4.40 -4.31
N GLU A 20 -2.43 -4.65 -3.06
CA GLU A 20 -2.82 -3.58 -2.15
C GLU A 20 -1.73 -3.32 -1.11
N VAL A 21 -1.58 -2.05 -0.73
CA VAL A 21 -0.57 -1.66 0.24
C VAL A 21 -1.11 -0.58 1.18
N ILE A 22 -0.63 -0.59 2.43
CA ILE A 22 -1.05 0.40 3.41
C ILE A 22 0.14 1.11 4.03
N CYS A 23 -0.07 2.36 4.44
CA CYS A 23 0.99 3.16 5.03
C CYS A 23 1.22 2.74 6.48
N PRO A 24 2.46 2.28 6.77
CA PRO A 24 2.85 1.85 8.11
C PRO A 24 2.93 3.00 9.10
N ILE A 25 2.67 4.22 8.61
CA ILE A 25 2.72 5.40 9.46
C ILE A 25 1.32 5.80 9.93
N CYS A 26 0.45 6.09 8.98
CA CYS A 26 -0.92 6.49 9.30
C CYS A 26 -1.85 5.27 9.30
N LEU A 27 -1.37 4.16 8.75
CA LEU A 27 -2.15 2.94 8.68
C LEU A 27 -3.40 3.14 7.84
N ASP A 28 -3.25 3.81 6.71
CA ASP A 28 -4.38 4.08 5.82
C ASP A 28 -3.97 3.87 4.36
N ILE A 29 -4.96 3.89 3.47
CA ILE A 29 -4.71 3.72 2.05
C ILE A 29 -3.93 4.90 1.48
N LEU A 30 -2.83 4.60 0.79
CA LEU A 30 -2.01 5.64 0.20
C LEU A 30 -2.42 5.91 -1.24
N GLN A 31 -3.11 7.03 -1.45
CA GLN A 31 -3.57 7.41 -2.79
C GLN A 31 -2.51 7.11 -3.83
N LYS A 32 -1.32 7.70 -3.66
CA LYS A 32 -0.22 7.50 -4.59
C LYS A 32 0.89 6.66 -3.95
N PRO A 33 0.93 5.37 -4.31
CA PRO A 33 1.93 4.44 -3.78
C PRO A 33 3.34 4.74 -4.30
N VAL A 34 4.16 5.35 -3.46
CA VAL A 34 5.53 5.69 -3.83
C VAL A 34 6.52 4.69 -3.26
N THR A 35 6.99 3.77 -4.10
CA THR A 35 7.95 2.76 -3.68
C THR A 35 9.34 3.35 -3.51
N ILE A 36 9.81 3.43 -2.28
CA ILE A 36 11.13 3.97 -1.99
C ILE A 36 12.23 2.92 -2.23
N ASP A 37 13.45 3.40 -2.44
CA ASP A 37 14.57 2.50 -2.67
C ASP A 37 14.70 1.47 -1.55
N CYS A 38 14.00 1.73 -0.44
CA CYS A 38 14.04 0.81 0.70
C CYS A 38 13.30 -0.48 0.38
N GLY A 39 12.34 -0.40 -0.53
CA GLY A 39 11.56 -1.58 -0.90
C GLY A 39 10.08 -1.40 -0.65
N HIS A 40 9.73 -0.96 0.55
CA HIS A 40 8.34 -0.75 0.91
C HIS A 40 7.80 0.55 0.31
N ASN A 41 6.51 0.80 0.51
CA ASN A 41 5.89 2.00 -0.01
C ASN A 41 5.23 2.81 1.11
N PHE A 42 4.91 4.07 0.82
CA PHE A 42 4.28 4.94 1.80
C PHE A 42 3.32 5.92 1.12
N CYS A 43 2.53 6.61 1.93
CA CYS A 43 1.57 7.58 1.42
C CYS A 43 2.20 8.96 1.30
N LEU A 44 1.93 9.64 0.19
CA LEU A 44 2.47 10.97 -0.04
C LEU A 44 2.25 11.87 1.16
N LYS A 45 1.04 11.84 1.72
CA LYS A 45 0.71 12.65 2.88
C LYS A 45 1.74 12.45 3.98
N CYS A 46 2.38 11.29 3.99
CA CYS A 46 3.39 10.97 5.01
C CYS A 46 4.79 11.30 4.49
N ILE A 47 5.13 10.73 3.34
CA ILE A 47 6.45 10.95 2.74
C ILE A 47 6.80 12.44 2.75
N THR A 48 5.78 13.29 2.73
CA THR A 48 5.99 14.73 2.74
C THR A 48 6.12 15.26 4.16
N GLN A 49 5.02 15.20 4.91
CA GLN A 49 5.01 15.68 6.28
C GLN A 49 6.31 15.32 7.00
N ILE A 50 6.77 14.08 6.80
CA ILE A 50 8.00 13.62 7.42
C ILE A 50 9.16 14.54 7.10
N GLY A 51 9.50 14.62 5.81
CA GLY A 51 10.59 15.48 5.38
C GLY A 51 10.11 16.82 4.85
N GLU A 52 9.15 17.42 5.54
CA GLU A 52 8.60 18.70 5.12
C GLU A 52 9.25 19.84 5.90
N THR A 53 9.67 19.55 7.13
CA THR A 53 10.31 20.55 7.98
C THR A 53 11.83 20.51 7.83
N SER A 54 12.43 19.41 8.25
CA SER A 54 13.88 19.24 8.17
C SER A 54 14.26 17.78 8.07
N CYS A 55 14.80 17.38 6.93
CA CYS A 55 15.20 16.00 6.71
C CYS A 55 16.15 15.89 5.51
N GLY A 56 16.89 14.79 5.45
CA GLY A 56 17.82 14.58 4.35
C GLY A 56 17.52 13.33 3.56
N PHE A 57 17.34 12.22 4.26
CA PHE A 57 17.04 10.94 3.62
C PHE A 57 15.86 10.26 4.29
N PHE A 58 14.84 9.95 3.49
CA PHE A 58 13.64 9.29 4.01
C PHE A 58 14.00 8.03 4.78
N LYS A 59 13.63 7.99 6.05
CA LYS A 59 13.91 6.84 6.90
C LYS A 59 12.69 5.93 7.00
N CYS A 60 12.92 4.63 6.84
CA CYS A 60 11.84 3.65 6.91
C CYS A 60 11.86 2.92 8.26
N PRO A 61 10.70 2.92 8.95
CA PRO A 61 10.57 2.26 10.25
C PRO A 61 10.61 0.75 10.14
N LEU A 62 10.07 0.22 9.05
CA LEU A 62 10.05 -1.22 8.83
C LEU A 62 11.46 -1.75 8.55
N CYS A 63 12.18 -1.07 7.66
CA CYS A 63 13.54 -1.47 7.32
C CYS A 63 14.43 -1.52 8.55
ZN ZN B . 0.90 7.77 5.66
ZN ZN C . 11.43 -0.04 4.06
N GLY A 1 -10.31 -12.02 -43.85
CA GLY A 1 -9.82 -11.58 -42.55
C GLY A 1 -10.44 -12.37 -41.41
N SER A 2 -10.13 -13.65 -41.33
CA SER A 2 -10.67 -14.51 -40.28
C SER A 2 -9.79 -15.74 -40.09
N SER A 3 -9.85 -16.32 -38.89
CA SER A 3 -9.05 -17.51 -38.58
C SER A 3 -9.87 -18.49 -37.73
N GLY A 4 -9.39 -19.73 -37.66
CA GLY A 4 -10.08 -20.75 -36.90
C GLY A 4 -9.71 -20.72 -35.43
N SER A 5 -10.22 -21.69 -34.66
CA SER A 5 -9.94 -21.76 -33.24
C SER A 5 -8.44 -21.71 -32.98
N SER A 6 -8.04 -20.88 -32.02
CA SER A 6 -6.63 -20.74 -31.67
C SER A 6 -6.48 -20.24 -30.23
N GLY A 7 -5.32 -20.53 -29.63
CA GLY A 7 -5.07 -20.10 -28.27
C GLY A 7 -4.58 -21.23 -27.39
N MET A 8 -3.43 -21.79 -27.73
CA MET A 8 -2.85 -22.88 -26.96
C MET A 8 -2.48 -22.43 -25.56
N ALA A 9 -1.97 -21.21 -25.45
CA ALA A 9 -1.58 -20.66 -24.16
C ALA A 9 -1.95 -19.18 -24.06
N SER A 10 -2.10 -18.70 -22.84
CA SER A 10 -2.47 -17.30 -22.61
C SER A 10 -1.22 -16.43 -22.47
N GLY A 11 -0.38 -16.77 -21.51
CA GLY A 11 0.85 -16.00 -21.30
C GLY A 11 1.08 -15.68 -19.84
N GLN A 12 2.13 -14.90 -19.56
CA GLN A 12 2.46 -14.52 -18.20
C GLN A 12 2.97 -13.09 -18.14
N PHE A 13 2.94 -12.50 -16.95
CA PHE A 13 3.40 -11.13 -16.76
C PHE A 13 4.57 -11.08 -15.77
N VAL A 14 5.43 -10.09 -15.94
CA VAL A 14 6.59 -9.91 -15.06
C VAL A 14 6.29 -8.93 -13.94
N ASN A 15 5.36 -8.01 -14.21
CA ASN A 15 4.99 -7.00 -13.22
C ASN A 15 3.63 -7.33 -12.60
N LYS A 16 3.49 -7.01 -11.31
CA LYS A 16 2.25 -7.26 -10.60
C LYS A 16 1.31 -6.06 -10.68
N LEU A 17 0.07 -6.30 -11.07
CA LEU A 17 -0.93 -5.23 -11.18
C LEU A 17 -1.89 -5.26 -9.99
N GLN A 18 -2.47 -4.11 -9.69
CA GLN A 18 -3.41 -4.00 -8.58
C GLN A 18 -2.75 -4.38 -7.26
N GLU A 19 -1.46 -4.10 -7.16
CA GLU A 19 -0.70 -4.41 -5.94
C GLU A 19 -1.39 -3.84 -4.71
N GLU A 20 -1.09 -4.42 -3.55
CA GLU A 20 -1.69 -3.97 -2.29
C GLU A 20 -0.62 -3.46 -1.34
N VAL A 21 -0.92 -2.36 -0.65
CA VAL A 21 0.01 -1.77 0.29
C VAL A 21 -0.70 -0.79 1.23
N ILE A 22 -0.17 -0.67 2.44
CA ILE A 22 -0.76 0.23 3.44
C ILE A 22 0.32 1.05 4.14
N CYS A 23 -0.06 2.23 4.63
CA CYS A 23 0.87 3.10 5.32
C CYS A 23 0.95 2.76 6.80
N PRO A 24 2.14 2.34 7.24
CA PRO A 24 2.37 1.96 8.64
C PRO A 24 2.35 3.16 9.58
N ILE A 25 2.18 4.35 9.00
CA ILE A 25 2.14 5.58 9.78
C ILE A 25 0.69 5.98 10.10
N CYS A 26 -0.05 6.34 9.07
CA CYS A 26 -1.44 6.74 9.24
C CYS A 26 -2.36 5.52 9.29
N LEU A 27 -1.87 4.39 8.76
CA LEU A 27 -2.64 3.16 8.75
C LEU A 27 -3.89 3.32 7.89
N ASP A 28 -3.73 3.86 6.69
CA ASP A 28 -4.84 4.05 5.77
C ASP A 28 -4.42 3.75 4.34
N ILE A 29 -5.40 3.69 3.45
CA ILE A 29 -5.14 3.41 2.03
C ILE A 29 -4.13 4.40 1.46
N LEU A 30 -3.19 3.90 0.67
CA LEU A 30 -2.17 4.74 0.05
C LEU A 30 -2.74 5.50 -1.14
N GLN A 31 -3.04 6.78 -0.94
CA GLN A 31 -3.58 7.62 -2.00
C GLN A 31 -2.57 7.80 -3.12
N LYS A 32 -1.29 7.66 -2.79
CA LYS A 32 -0.23 7.81 -3.77
C LYS A 32 0.97 6.95 -3.42
N PRO A 33 1.11 5.81 -4.10
CA PRO A 33 2.21 4.86 -3.87
C PRO A 33 3.55 5.42 -4.33
N VAL A 34 4.54 5.41 -3.44
CA VAL A 34 5.87 5.91 -3.76
C VAL A 34 6.95 4.98 -3.23
N THR A 35 7.53 4.18 -4.12
CA THR A 35 8.57 3.24 -3.74
C THR A 35 9.88 3.97 -3.44
N ILE A 36 10.32 3.89 -2.19
CA ILE A 36 11.56 4.54 -1.78
C ILE A 36 12.76 3.60 -1.94
N ASP A 37 13.95 4.17 -2.01
CA ASP A 37 15.17 3.39 -2.16
C ASP A 37 15.25 2.30 -1.10
N CYS A 38 14.47 2.45 -0.04
CA CYS A 38 14.46 1.48 1.05
C CYS A 38 13.79 0.18 0.60
N GLY A 39 12.85 0.29 -0.33
CA GLY A 39 12.16 -0.88 -0.82
C GLY A 39 10.66 -0.79 -0.65
N HIS A 40 10.22 -0.45 0.56
CA HIS A 40 8.81 -0.32 0.85
C HIS A 40 8.24 0.97 0.28
N ASN A 41 6.93 1.17 0.43
CA ASN A 41 6.27 2.36 -0.07
C ASN A 41 5.56 3.11 1.05
N PHE A 42 5.10 4.32 0.76
CA PHE A 42 4.41 5.13 1.75
C PHE A 42 3.47 6.14 1.07
N CYS A 43 2.50 6.65 1.83
CA CYS A 43 1.55 7.61 1.29
C CYS A 43 2.15 9.01 1.25
N LEU A 44 1.95 9.69 0.12
CA LEU A 44 2.48 11.04 -0.05
C LEU A 44 2.16 11.91 1.16
N LYS A 45 0.92 11.83 1.64
CA LYS A 45 0.49 12.61 2.79
C LYS A 45 1.46 12.43 3.95
N CYS A 46 2.13 11.28 4.00
CA CYS A 46 3.09 11.00 5.05
C CYS A 46 4.50 11.38 4.62
N ILE A 47 4.87 10.98 3.42
CA ILE A 47 6.20 11.28 2.88
C ILE A 47 6.44 12.78 2.83
N THR A 48 5.37 13.55 2.62
CA THR A 48 5.48 14.99 2.56
C THR A 48 5.75 15.60 3.93
N GLN A 49 4.93 15.22 4.91
CA GLN A 49 5.09 15.72 6.26
C GLN A 49 6.41 15.29 6.87
N ILE A 50 6.79 14.04 6.61
CA ILE A 50 8.05 13.50 7.12
C ILE A 50 9.24 14.21 6.50
N GLY A 51 9.12 14.57 5.23
CA GLY A 51 10.20 15.26 4.54
C GLY A 51 10.42 16.66 5.06
N GLU A 52 9.33 17.33 5.40
CA GLU A 52 9.41 18.70 5.93
C GLU A 52 10.39 18.79 7.08
N THR A 53 10.24 17.90 8.05
CA THR A 53 11.12 17.88 9.21
C THR A 53 12.49 17.31 8.87
N SER A 54 12.50 16.23 8.08
CA SER A 54 13.74 15.60 7.67
C SER A 54 13.89 15.63 6.16
N CYS A 55 14.84 16.42 5.67
CA CYS A 55 15.09 16.54 4.25
C CYS A 55 16.27 15.67 3.82
N GLY A 56 16.23 15.19 2.58
CA GLY A 56 17.29 14.35 2.07
C GLY A 56 16.94 12.87 2.13
N PHE A 57 17.37 12.21 3.21
CA PHE A 57 17.10 10.79 3.38
C PHE A 57 15.87 10.57 4.27
N PHE A 58 14.90 9.85 3.74
CA PHE A 58 13.67 9.56 4.49
C PHE A 58 13.76 8.21 5.20
N LYS A 59 13.70 8.25 6.53
CA LYS A 59 13.78 7.04 7.32
C LYS A 59 12.57 6.14 7.07
N CYS A 60 12.64 4.90 7.56
CA CYS A 60 11.55 3.95 7.39
C CYS A 60 11.37 3.11 8.64
N PRO A 61 10.13 3.11 9.18
CA PRO A 61 9.80 2.35 10.39
C PRO A 61 9.79 0.85 10.14
N LEU A 62 9.41 0.44 8.94
CA LEU A 62 9.36 -0.96 8.58
C LEU A 62 10.77 -1.54 8.43
N CYS A 63 11.64 -0.79 7.75
CA CYS A 63 13.01 -1.24 7.55
C CYS A 63 13.68 -1.57 8.88
ZN ZN B . 0.59 7.75 5.57
ZN ZN C . 11.54 0.50 4.23
N GLY A 1 -11.34 -21.75 5.02
CA GLY A 1 -10.62 -20.65 4.42
C GLY A 1 -9.21 -20.51 4.97
N SER A 2 -9.08 -19.85 6.12
CA SER A 2 -7.78 -19.64 6.74
C SER A 2 -7.38 -20.87 7.56
N SER A 3 -8.29 -21.35 8.40
CA SER A 3 -8.03 -22.51 9.24
C SER A 3 -8.63 -23.76 8.63
N GLY A 4 -7.79 -24.77 8.41
CA GLY A 4 -8.25 -26.02 7.83
C GLY A 4 -9.00 -26.88 8.83
N SER A 5 -10.29 -27.06 8.60
CA SER A 5 -11.12 -27.86 9.50
C SER A 5 -10.70 -29.33 9.45
N SER A 6 -11.05 -30.08 10.49
CA SER A 6 -10.71 -31.50 10.57
C SER A 6 -11.21 -32.24 9.34
N GLY A 7 -10.28 -32.76 8.55
CA GLY A 7 -10.65 -33.48 7.35
C GLY A 7 -11.30 -32.60 6.29
N MET A 8 -10.73 -31.41 6.11
CA MET A 8 -11.27 -30.45 5.14
C MET A 8 -10.58 -30.63 3.78
N ALA A 9 -11.39 -30.67 2.72
CA ALA A 9 -10.86 -30.81 1.37
C ALA A 9 -10.78 -29.47 0.66
N SER A 10 -9.71 -29.28 -0.10
CA SER A 10 -9.51 -28.03 -0.85
C SER A 10 -9.64 -28.27 -2.35
N GLY A 11 -10.62 -27.61 -2.96
CA GLY A 11 -10.82 -27.76 -4.39
C GLY A 11 -10.00 -26.79 -5.20
N GLN A 12 -10.11 -25.50 -4.87
CA GLN A 12 -9.37 -24.46 -5.58
C GLN A 12 -9.09 -23.27 -4.67
N PHE A 13 -8.17 -22.40 -5.09
CA PHE A 13 -7.81 -21.22 -4.31
C PHE A 13 -7.64 -20.00 -5.22
N VAL A 14 -8.61 -19.10 -5.16
CA VAL A 14 -8.58 -17.89 -5.97
C VAL A 14 -7.49 -16.94 -5.49
N ASN A 15 -6.49 -16.72 -6.35
CA ASN A 15 -5.38 -15.83 -6.01
C ASN A 15 -5.31 -14.65 -6.98
N LYS A 16 -5.28 -13.45 -6.44
CA LYS A 16 -5.20 -12.24 -7.26
C LYS A 16 -3.79 -12.01 -7.78
N LEU A 17 -3.63 -11.06 -8.68
CA LEU A 17 -2.33 -10.74 -9.24
C LEU A 17 -1.87 -9.35 -8.82
N GLN A 18 -2.50 -8.82 -7.76
CA GLN A 18 -2.15 -7.50 -7.26
C GLN A 18 -2.33 -7.43 -5.74
N GLU A 19 -1.24 -7.24 -5.02
CA GLU A 19 -1.28 -7.16 -3.57
C GLU A 19 -1.48 -5.71 -3.11
N GLU A 20 -2.22 -5.53 -2.02
CA GLU A 20 -2.48 -4.21 -1.48
C GLU A 20 -1.45 -3.83 -0.43
N VAL A 21 -1.19 -2.53 -0.30
CA VAL A 21 -0.22 -2.04 0.68
C VAL A 21 -0.78 -0.87 1.45
N ILE A 22 -0.55 -0.88 2.76
CA ILE A 22 -1.03 0.20 3.63
C ILE A 22 0.13 0.98 4.25
N CYS A 23 -0.13 2.23 4.61
CA CYS A 23 0.89 3.08 5.20
C CYS A 23 1.07 2.76 6.68
N PRO A 24 2.28 2.25 7.03
CA PRO A 24 2.61 1.90 8.41
C PRO A 24 2.74 3.11 9.32
N ILE A 25 2.56 4.30 8.74
CA ILE A 25 2.66 5.54 9.50
C ILE A 25 1.28 6.04 9.90
N CYS A 26 0.49 6.44 8.92
CA CYS A 26 -0.86 6.94 9.17
C CYS A 26 -1.86 5.79 9.29
N LEU A 27 -1.51 4.65 8.71
CA LEU A 27 -2.37 3.48 8.75
C LEU A 27 -3.66 3.71 7.98
N ASP A 28 -3.53 4.25 6.77
CA ASP A 28 -4.69 4.54 5.93
C ASP A 28 -4.40 4.16 4.47
N ILE A 29 -5.45 4.14 3.66
CA ILE A 29 -5.31 3.80 2.25
C ILE A 29 -4.28 4.68 1.57
N LEU A 30 -3.29 4.06 0.93
CA LEU A 30 -2.23 4.79 0.23
C LEU A 30 -2.80 5.61 -0.91
N GLN A 31 -2.94 6.91 -0.68
CA GLN A 31 -3.49 7.82 -1.70
C GLN A 31 -2.58 7.85 -2.93
N LYS A 32 -1.31 7.53 -2.72
CA LYS A 32 -0.33 7.53 -3.81
C LYS A 32 0.84 6.61 -3.50
N PRO A 33 0.83 5.40 -4.10
CA PRO A 33 1.88 4.40 -3.90
C PRO A 33 3.20 4.83 -4.54
N VAL A 34 4.21 5.05 -3.69
CA VAL A 34 5.52 5.45 -4.19
C VAL A 34 6.62 4.54 -3.63
N THR A 35 7.09 3.62 -4.47
CA THR A 35 8.13 2.68 -4.08
C THR A 35 9.46 3.40 -3.83
N ILE A 36 9.87 3.45 -2.56
CA ILE A 36 11.12 4.10 -2.20
C ILE A 36 12.30 3.15 -2.32
N ASP A 37 13.51 3.71 -2.38
CA ASP A 37 14.72 2.91 -2.50
C ASP A 37 14.79 1.87 -1.38
N CYS A 38 13.99 2.07 -0.33
CA CYS A 38 13.97 1.16 0.80
C CYS A 38 13.31 -0.16 0.42
N GLY A 39 12.45 -0.11 -0.59
CA GLY A 39 11.76 -1.31 -1.04
C GLY A 39 10.26 -1.22 -0.87
N HIS A 40 9.83 -0.80 0.31
CA HIS A 40 8.40 -0.67 0.60
C HIS A 40 7.85 0.64 0.04
N ASN A 41 6.53 0.79 0.10
CA ASN A 41 5.88 1.99 -0.42
C ASN A 41 5.29 2.81 0.72
N PHE A 42 4.85 4.03 0.40
CA PHE A 42 4.26 4.91 1.40
C PHE A 42 3.31 5.93 0.74
N CYS A 43 2.49 6.56 1.55
CA CYS A 43 1.53 7.54 1.05
C CYS A 43 2.18 8.92 0.95
N LEU A 44 1.88 9.63 -0.14
CA LEU A 44 2.42 10.97 -0.36
C LEU A 44 2.29 11.83 0.89
N LYS A 45 1.09 11.85 1.46
CA LYS A 45 0.84 12.64 2.67
C LYS A 45 1.90 12.37 3.72
N CYS A 46 2.49 11.19 3.67
CA CYS A 46 3.53 10.81 4.63
C CYS A 46 4.92 11.10 4.07
N ILE A 47 5.12 10.77 2.81
CA ILE A 47 6.40 11.00 2.15
C ILE A 47 6.68 12.50 1.99
N THR A 48 5.63 13.30 2.11
CA THR A 48 5.74 14.74 1.98
C THR A 48 6.07 15.40 3.32
N GLN A 49 5.38 14.97 4.37
CA GLN A 49 5.59 15.51 5.70
C GLN A 49 6.97 15.13 6.23
N ILE A 50 7.36 13.88 6.04
CA ILE A 50 8.65 13.39 6.49
C ILE A 50 9.78 14.29 5.99
N GLY A 51 9.61 14.83 4.79
CA GLY A 51 10.62 15.70 4.21
C GLY A 51 10.53 17.12 4.75
N GLU A 52 9.31 17.56 5.06
CA GLU A 52 9.09 18.90 5.59
C GLU A 52 10.13 19.25 6.63
N THR A 53 10.17 18.48 7.71
CA THR A 53 11.12 18.71 8.79
C THR A 53 12.55 18.78 8.25
N SER A 54 13.41 19.48 8.99
CA SER A 54 14.81 19.63 8.59
C SER A 54 15.34 18.34 7.97
N CYS A 55 15.11 17.22 8.66
CA CYS A 55 15.56 15.92 8.18
C CYS A 55 15.09 15.67 6.75
N GLY A 56 16.04 15.59 5.83
CA GLY A 56 15.70 15.36 4.43
C GLY A 56 15.74 13.89 4.06
N PHE A 57 16.66 13.15 4.68
CA PHE A 57 16.81 11.73 4.41
C PHE A 57 15.62 10.94 4.97
N PHE A 58 14.81 10.41 4.07
CA PHE A 58 13.63 9.63 4.46
C PHE A 58 14.04 8.29 5.05
N LYS A 59 13.47 7.95 6.20
CA LYS A 59 13.77 6.69 6.87
C LYS A 59 12.54 5.80 6.92
N CYS A 60 12.76 4.50 6.75
CA CYS A 60 11.66 3.53 6.78
C CYS A 60 11.68 2.72 8.08
N PRO A 61 10.53 2.66 8.76
CA PRO A 61 10.39 1.92 10.01
C PRO A 61 10.46 0.40 9.80
N LEU A 62 9.89 -0.07 8.70
CA LEU A 62 9.89 -1.49 8.38
C LEU A 62 11.30 -1.99 8.12
N CYS A 63 12.04 -1.24 7.30
CA CYS A 63 13.41 -1.60 6.95
C CYS A 63 14.28 -1.67 8.21
ZN ZN B . 0.86 7.74 5.27
ZN ZN C . 11.29 -0.04 3.78
#